data_4DML
#
_entry.id   4DML
#
_cell.length_a   63.9110
_cell.length_b   117.9320
_cell.length_c   125.3290
_cell.angle_alpha   90.00
_cell.angle_beta   90.00
_cell.angle_gamma   90.00
#
_symmetry.space_group_name_H-M   'P 21 21 21'
#
loop_
_entity.id
_entity.type
_entity.pdbx_description
1 polymer '3-oxoacyl-[acyl-carrier-protein] reductase'
2 water water
#
_entity_poly.entity_id   1
_entity_poly.type   'polypeptide(L)'
_entity_poly.pdbx_seq_one_letter_code
;MGSSHHHHHHSSGLVPRGSHMTALPLTDRIALVTGASRGIGRAIALELAAAGAKVAVNYASSAGAADEVVAAIAAAGGEA
FAVKADVSQESEVEALFAAVIERWGRLDVLVNNAGITRDTLLLRMKRDDWQSVLDLNLGGVFLCSRAAAKIMLKQRSGRI
INIASVVGEMGNPGQANYSAAKAGVIGLTKTVAKELASRGITVNAVAPGFIATDMTSELAAEKLLEVIPLGRYGEAAEVA
GVVRFLAADPAAAYITGQVINIDGGLVMA
;
_entity_poly.pdbx_strand_id   A,B,C,D
#
# COMPACT_ATOMS: atom_id res chain seq x y z
N LEU A 24 -1.37 8.63 -35.46
CA LEU A 24 -1.82 8.20 -34.08
C LEU A 24 -0.79 7.29 -33.39
N PRO A 25 -0.69 7.32 -32.04
CA PRO A 25 0.42 6.58 -31.39
C PRO A 25 0.48 5.08 -31.68
N LEU A 26 -0.69 4.46 -31.90
CA LEU A 26 -0.75 3.02 -32.18
C LEU A 26 -1.09 2.65 -33.62
N THR A 27 -0.86 3.55 -34.56
CA THR A 27 -1.07 3.29 -35.97
C THR A 27 -0.18 2.15 -36.35
N ASP A 28 -0.78 1.07 -36.84
CA ASP A 28 -0.02 -0.08 -37.35
C ASP A 28 0.33 -1.11 -36.26
N ARG A 29 -0.09 -0.78 -35.03
CA ARG A 29 0.10 -1.68 -33.88
C ARG A 29 -1.18 -2.44 -33.65
N ILE A 30 -1.06 -3.56 -32.94
CA ILE A 30 -2.10 -4.54 -32.81
C ILE A 30 -2.43 -4.74 -31.31
N ALA A 31 -3.72 -4.71 -31.00
CA ALA A 31 -4.16 -4.97 -29.66
C ALA A 31 -5.14 -6.09 -29.66
N LEU A 32 -5.14 -6.79 -28.52
CA LEU A 32 -6.10 -7.81 -28.19
C LEU A 32 -6.61 -7.46 -26.84
N VAL A 33 -7.93 -7.35 -26.73
CA VAL A 33 -8.63 -7.11 -25.50
C VAL A 33 -9.43 -8.37 -25.24
N THR A 34 -9.15 -9.09 -24.18
CA THR A 34 -10.06 -10.20 -23.82
C THR A 34 -11.29 -9.64 -23.12
N GLY A 35 -12.44 -10.27 -23.34
CA GLY A 35 -13.71 -9.84 -22.68
C GLY A 35 -14.08 -8.44 -23.16
N ALA A 36 -14.04 -8.22 -24.47
CA ALA A 36 -14.26 -6.88 -25.06
C ALA A 36 -15.64 -6.53 -25.64
N SER A 37 -16.67 -7.30 -25.40
CA SER A 37 -17.90 -7.05 -26.11
C SER A 37 -18.86 -6.09 -25.40
N ARG A 38 -18.62 -5.84 -24.12
CA ARG A 38 -19.46 -4.90 -23.38
C ARG A 38 -18.70 -4.06 -22.37
N GLY A 39 -19.42 -3.04 -21.88
CA GLY A 39 -18.96 -2.19 -20.81
C GLY A 39 -17.52 -1.76 -20.95
N ILE A 40 -16.71 -2.18 -19.98
CA ILE A 40 -15.34 -1.71 -19.90
C ILE A 40 -14.51 -2.29 -21.06
N GLY A 41 -14.66 -3.59 -21.35
CA GLY A 41 -13.95 -4.20 -22.47
C GLY A 41 -14.17 -3.45 -23.78
N ARG A 42 -15.44 -3.16 -24.08
CA ARG A 42 -15.85 -2.43 -25.29
C ARG A 42 -15.19 -1.07 -25.27
N ALA A 43 -15.18 -0.39 -24.12
CA ALA A 43 -14.81 0.97 -24.12
C ALA A 43 -13.30 1.05 -24.43
N ILE A 44 -12.58 0.02 -23.99
CA ILE A 44 -11.14 -0.14 -24.13
C ILE A 44 -10.85 -0.49 -25.57
N ALA A 45 -11.69 -1.35 -26.14
CA ALA A 45 -11.65 -1.61 -27.56
C ALA A 45 -11.74 -0.31 -28.36
N LEU A 46 -12.80 0.47 -28.14
CA LEU A 46 -12.97 1.70 -28.90
C LEU A 46 -11.81 2.61 -28.68
N GLU A 47 -11.34 2.69 -27.44
CA GLU A 47 -10.29 3.62 -27.17
C GLU A 47 -8.98 3.25 -27.86
N LEU A 48 -8.65 1.97 -27.87
CA LEU A 48 -7.45 1.55 -28.55
C LEU A 48 -7.52 1.80 -30.05
N ALA A 49 -8.63 1.51 -30.70
CA ALA A 49 -8.75 1.80 -32.13
C ALA A 49 -8.70 3.32 -32.39
N ALA A 50 -9.27 4.08 -31.47
CA ALA A 50 -9.19 5.53 -31.54
C ALA A 50 -7.73 6.02 -31.45
N ALA A 51 -6.91 5.34 -30.65
CA ALA A 51 -5.48 5.63 -30.59
C ALA A 51 -4.70 5.11 -31.80
N GLY A 52 -5.41 4.42 -32.71
CA GLY A 52 -4.83 3.89 -33.96
C GLY A 52 -4.64 2.40 -34.04
N ALA A 53 -4.72 1.68 -32.92
CA ALA A 53 -4.54 0.21 -32.94
C ALA A 53 -5.55 -0.54 -33.85
N LYS A 54 -5.15 -1.68 -34.42
CA LYS A 54 -6.07 -2.68 -34.88
C LYS A 54 -6.42 -3.59 -33.68
N VAL A 55 -7.70 -3.88 -33.52
CA VAL A 55 -8.15 -4.50 -32.28
C VAL A 55 -8.86 -5.85 -32.48
N ALA A 56 -8.29 -6.91 -31.89
CA ALA A 56 -8.98 -8.21 -31.77
C ALA A 56 -9.90 -8.16 -30.54
N VAL A 57 -11.20 -8.20 -30.84
CA VAL A 57 -12.24 -8.15 -29.83
C VAL A 57 -12.63 -9.57 -29.46
N ASN A 58 -12.07 -10.08 -28.38
CA ASN A 58 -12.42 -11.40 -27.94
C ASN A 58 -13.65 -11.40 -27.05
N TYR A 59 -14.48 -12.41 -27.22
CA TYR A 59 -15.66 -12.56 -26.39
C TYR A 59 -15.88 -14.06 -26.14
N ALA A 60 -16.68 -14.39 -25.14
CA ALA A 60 -17.00 -15.78 -24.79
C ALA A 60 -18.33 -16.32 -25.36
N SER A 61 -19.38 -15.50 -25.36
CA SER A 61 -20.79 -15.92 -25.59
C SER A 61 -21.40 -15.34 -26.88
N SER A 62 -21.97 -14.15 -26.81
CA SER A 62 -22.71 -13.61 -27.94
C SER A 62 -21.86 -12.88 -28.97
N ALA A 63 -21.97 -13.33 -30.22
CA ALA A 63 -21.39 -12.65 -31.37
C ALA A 63 -22.06 -11.30 -31.65
N GLY A 64 -23.30 -11.12 -31.20
CA GLY A 64 -24.02 -9.89 -31.43
C GLY A 64 -23.34 -8.71 -30.73
N ALA A 65 -23.22 -8.84 -29.40
CA ALA A 65 -22.49 -7.85 -28.60
C ALA A 65 -21.14 -7.56 -29.26
N ALA A 66 -20.44 -8.62 -29.67
CA ALA A 66 -19.10 -8.38 -30.19
C ALA A 66 -19.07 -7.73 -31.58
N ASP A 67 -20.08 -8.01 -32.40
CA ASP A 67 -20.16 -7.42 -33.72
C ASP A 67 -20.44 -5.95 -33.61
N GLU A 68 -21.10 -5.57 -32.52
CA GLU A 68 -21.59 -4.22 -32.34
C GLU A 68 -20.36 -3.39 -31.98
N VAL A 69 -19.48 -3.95 -31.15
CA VAL A 69 -18.19 -3.30 -30.88
C VAL A 69 -17.38 -3.15 -32.20
N VAL A 70 -17.25 -4.23 -32.95
CA VAL A 70 -16.50 -4.17 -34.19
C VAL A 70 -17.09 -3.10 -35.13
N ALA A 71 -18.41 -3.02 -35.20
CA ALA A 71 -19.03 -2.16 -36.20
C ALA A 71 -18.86 -0.67 -35.81
N ALA A 72 -18.88 -0.41 -34.50
CA ALA A 72 -18.67 0.94 -33.99
C ALA A 72 -17.21 1.41 -34.16
N ILE A 73 -16.26 0.48 -34.13
CA ILE A 73 -14.87 0.79 -34.41
C ILE A 73 -14.74 1.12 -35.90
N ALA A 74 -15.49 0.37 -36.72
CA ALA A 74 -15.48 0.54 -38.17
C ALA A 74 -16.07 1.88 -38.57
N ALA A 75 -17.16 2.26 -37.87
CA ALA A 75 -17.89 3.51 -38.11
C ALA A 75 -17.06 4.73 -37.75
N ALA A 76 -16.22 4.62 -36.74
CA ALA A 76 -15.29 5.71 -36.44
C ALA A 76 -13.98 5.61 -37.26
N GLY A 77 -13.97 4.77 -38.29
CA GLY A 77 -12.88 4.71 -39.23
C GLY A 77 -11.65 4.00 -38.69
N GLY A 78 -11.87 2.95 -37.89
CA GLY A 78 -10.78 2.12 -37.40
C GLY A 78 -10.98 0.68 -37.80
N GLU A 79 -10.09 -0.20 -37.33
CA GLU A 79 -10.13 -1.64 -37.70
C GLU A 79 -10.16 -2.62 -36.54
N ALA A 80 -11.03 -3.64 -36.67
CA ALA A 80 -11.26 -4.64 -35.65
C ALA A 80 -11.80 -5.91 -36.26
N PHE A 81 -11.56 -7.03 -35.56
CA PHE A 81 -12.32 -8.26 -35.80
C PHE A 81 -12.65 -9.00 -34.51
N ALA A 82 -13.75 -9.75 -34.54
CA ALA A 82 -14.33 -10.49 -33.39
C ALA A 82 -13.83 -11.93 -33.29
N VAL A 83 -13.33 -12.36 -32.15
CA VAL A 83 -12.88 -13.75 -32.03
C VAL A 83 -13.44 -14.33 -30.76
N LYS A 84 -14.15 -15.44 -30.90
CA LYS A 84 -14.69 -16.18 -29.77
C LYS A 84 -13.61 -17.10 -29.20
N ALA A 85 -13.44 -17.04 -27.87
CA ALA A 85 -12.48 -17.89 -27.19
C ALA A 85 -12.81 -17.78 -25.73
N ASP A 86 -12.83 -18.93 -25.07
CA ASP A 86 -13.05 -19.03 -23.65
C ASP A 86 -11.67 -19.05 -23.03
N VAL A 87 -11.20 -17.91 -22.56
CA VAL A 87 -9.78 -17.82 -22.18
C VAL A 87 -9.45 -18.51 -20.86
N SER A 88 -10.36 -19.31 -20.30
CA SER A 88 -9.97 -20.20 -19.18
C SER A 88 -9.33 -21.49 -19.68
N GLN A 89 -9.41 -21.73 -20.99
CA GLN A 89 -8.97 -22.98 -21.60
C GLN A 89 -7.68 -22.83 -22.41
N GLU A 90 -6.62 -23.52 -21.98
CA GLU A 90 -5.30 -23.47 -22.63
C GLU A 90 -5.32 -23.50 -24.16
N SER A 91 -5.99 -24.49 -24.74
CA SER A 91 -6.07 -24.66 -26.20
C SER A 91 -6.89 -23.58 -26.93
N GLU A 92 -7.85 -23.00 -26.22
CA GLU A 92 -8.61 -21.90 -26.76
C GLU A 92 -7.83 -20.59 -26.82
N VAL A 93 -6.91 -20.38 -25.87
CA VAL A 93 -6.06 -19.22 -26.01
C VAL A 93 -5.01 -19.45 -27.11
N GLU A 94 -4.66 -20.70 -27.40
CA GLU A 94 -3.75 -20.93 -28.52
C GLU A 94 -4.41 -20.48 -29.83
N ALA A 95 -5.65 -20.92 -30.07
CA ALA A 95 -6.40 -20.47 -31.26
C ALA A 95 -6.55 -18.95 -31.32
N LEU A 96 -6.87 -18.32 -30.18
CA LEU A 96 -7.06 -16.87 -30.09
C LEU A 96 -5.83 -16.11 -30.52
N PHE A 97 -4.68 -16.53 -30.01
CA PHE A 97 -3.39 -15.91 -30.32
C PHE A 97 -2.93 -16.20 -31.73
N ALA A 98 -3.00 -17.45 -32.16
CA ALA A 98 -2.67 -17.79 -33.53
C ALA A 98 -3.56 -17.00 -34.51
N ALA A 99 -4.82 -16.77 -34.10
CA ALA A 99 -5.78 -16.07 -34.96
C ALA A 99 -5.34 -14.61 -35.24
N VAL A 100 -4.94 -13.92 -34.19
CA VAL A 100 -4.43 -12.58 -34.29
C VAL A 100 -3.13 -12.57 -35.09
N ILE A 101 -2.19 -13.45 -34.75
CA ILE A 101 -0.93 -13.52 -35.48
C ILE A 101 -1.19 -13.78 -36.96
N GLU A 102 -2.01 -14.78 -37.27
CA GLU A 102 -2.44 -15.08 -38.64
C GLU A 102 -3.02 -13.87 -39.38
N ARG A 103 -3.92 -13.12 -38.73
CA ARG A 103 -4.54 -11.97 -39.40
C ARG A 103 -3.56 -10.79 -39.63
N TRP A 104 -2.69 -10.53 -38.65
CA TRP A 104 -1.97 -9.27 -38.59
C TRP A 104 -0.48 -9.39 -38.24
N GLY A 105 -0.01 -10.58 -37.89
CA GLY A 105 1.44 -10.90 -37.82
C GLY A 105 2.23 -10.40 -36.63
N ARG A 106 1.56 -9.75 -35.67
CA ARG A 106 2.26 -9.15 -34.53
C ARG A 106 1.29 -8.87 -33.38
N LEU A 107 1.81 -8.73 -32.15
CA LEU A 107 0.96 -8.31 -31.01
C LEU A 107 1.66 -7.26 -30.20
N ASP A 108 1.14 -6.06 -30.27
CA ASP A 108 1.70 -4.97 -29.55
C ASP A 108 1.11 -4.72 -28.18
N VAL A 109 -0.14 -5.11 -27.96
CA VAL A 109 -0.81 -4.74 -26.72
C VAL A 109 -1.78 -5.82 -26.40
N LEU A 110 -1.71 -6.27 -25.14
CA LEU A 110 -2.64 -7.21 -24.53
C LEU A 110 -3.36 -6.53 -23.37
N VAL A 111 -4.70 -6.58 -23.40
CA VAL A 111 -5.54 -6.18 -22.29
C VAL A 111 -6.30 -7.39 -21.75
N ASN A 112 -5.96 -7.79 -20.53
CA ASN A 112 -6.67 -8.89 -19.88
C ASN A 112 -7.86 -8.30 -19.20
N ASN A 113 -9.02 -8.43 -19.84
CA ASN A 113 -10.23 -7.90 -19.20
C ASN A 113 -11.27 -8.93 -18.87
N ALA A 114 -11.18 -10.10 -19.46
CA ALA A 114 -12.28 -11.03 -19.37
C ALA A 114 -12.57 -11.31 -17.88
N GLY A 115 -13.83 -11.41 -17.51
CA GLY A 115 -14.14 -11.73 -16.12
C GLY A 115 -15.59 -12.06 -15.92
N ILE A 116 -15.88 -12.74 -14.81
CA ILE A 116 -17.27 -12.98 -14.40
C ILE A 116 -17.37 -12.68 -12.90
N THR A 117 -18.59 -12.45 -12.40
CA THR A 117 -18.88 -12.51 -10.97
C THR A 117 -19.86 -13.61 -10.69
N ARG A 118 -19.65 -14.30 -9.59
CA ARG A 118 -20.65 -15.16 -8.99
C ARG A 118 -20.64 -14.79 -7.49
N ASP A 119 -21.38 -13.74 -7.15
CA ASP A 119 -21.32 -13.16 -5.80
C ASP A 119 -22.18 -13.89 -4.75
N THR A 120 -21.61 -14.08 -3.56
CA THR A 120 -22.20 -14.79 -2.40
C THR A 120 -21.22 -14.76 -1.24
N LEU A 121 -21.75 -14.60 -0.03
CA LEU A 121 -21.01 -14.82 1.23
C LEU A 121 -20.19 -16.11 1.23
N LEU A 122 -19.05 -16.11 1.95
CA LEU A 122 -18.18 -17.30 2.06
C LEU A 122 -18.94 -18.44 2.75
N LEU A 123 -19.81 -18.10 3.70
CA LEU A 123 -20.66 -19.06 4.41
C LEU A 123 -21.31 -20.04 3.43
N ARG A 124 -21.85 -19.50 2.33
CA ARG A 124 -22.55 -20.36 1.39
C ARG A 124 -21.99 -20.42 -0.03
N MET A 125 -20.78 -19.89 -0.27
CA MET A 125 -20.18 -19.94 -1.60
C MET A 125 -19.92 -21.40 -2.03
N LYS A 126 -20.46 -21.76 -3.19
CA LYS A 126 -20.31 -23.12 -3.69
C LYS A 126 -18.91 -23.30 -4.25
N ARG A 127 -18.26 -24.42 -3.98
CA ARG A 127 -16.99 -24.74 -4.68
C ARG A 127 -16.91 -24.29 -6.14
N ASP A 128 -17.83 -24.76 -6.98
CA ASP A 128 -17.80 -24.41 -8.41
C ASP A 128 -17.89 -22.88 -8.70
N ASP A 129 -18.55 -22.14 -7.82
CA ASP A 129 -18.65 -20.69 -8.02
C ASP A 129 -17.32 -20.01 -7.70
N TRP A 130 -16.55 -20.62 -6.81
CA TRP A 130 -15.22 -20.17 -6.53
C TRP A 130 -14.28 -20.48 -7.70
N GLN A 131 -14.33 -21.70 -8.22
CA GLN A 131 -13.39 -22.17 -9.24
C GLN A 131 -13.56 -21.49 -10.59
N SER A 132 -14.81 -21.37 -11.05
CA SER A 132 -15.09 -20.75 -12.35
C SER A 132 -14.57 -19.32 -12.35
N VAL A 133 -14.81 -18.62 -11.24
CA VAL A 133 -14.42 -17.22 -11.13
C VAL A 133 -12.90 -17.14 -11.07
N LEU A 134 -12.26 -18.01 -10.29
CA LEU A 134 -10.77 -18.05 -10.30
C LEU A 134 -10.16 -18.44 -11.67
N ASP A 135 -10.64 -19.53 -12.27
CA ASP A 135 -10.18 -19.99 -13.58
C ASP A 135 -10.24 -18.91 -14.69
N LEU A 136 -11.39 -18.27 -14.84
CA LEU A 136 -11.49 -17.24 -15.85
C LEU A 136 -10.70 -15.94 -15.46
N ASN A 137 -10.98 -15.39 -14.28
CA ASN A 137 -10.52 -14.08 -13.90
C ASN A 137 -9.02 -14.06 -13.66
N LEU A 138 -8.50 -15.15 -13.08
CA LEU A 138 -7.09 -15.26 -12.74
C LEU A 138 -6.33 -16.16 -13.73
N GLY A 139 -6.80 -17.40 -13.87
CA GLY A 139 -6.23 -18.32 -14.86
C GLY A 139 -6.12 -17.72 -16.26
N GLY A 140 -7.23 -17.15 -16.75
CA GLY A 140 -7.26 -16.43 -18.03
C GLY A 140 -6.05 -15.54 -18.24
N VAL A 141 -5.69 -14.77 -17.23
CA VAL A 141 -4.59 -13.83 -17.41
C VAL A 141 -3.23 -14.50 -17.34
N PHE A 142 -3.15 -15.59 -16.60
CA PHE A 142 -1.96 -16.40 -16.65
C PHE A 142 -1.76 -16.92 -18.09
N LEU A 143 -2.82 -17.52 -18.62
CA LEU A 143 -2.79 -18.12 -19.97
C LEU A 143 -2.50 -17.09 -21.06
N CYS A 144 -3.17 -15.94 -21.03
CA CYS A 144 -2.95 -14.93 -22.08
C CYS A 144 -1.61 -14.24 -21.95
N SER A 145 -1.17 -13.99 -20.72
CA SER A 145 0.12 -13.38 -20.51
C SER A 145 1.18 -14.31 -20.96
N ARG A 146 0.99 -15.62 -20.73
CA ARG A 146 1.96 -16.58 -21.18
C ARG A 146 2.08 -16.50 -22.70
N ALA A 147 0.95 -16.52 -23.39
CA ALA A 147 1.01 -16.56 -24.83
C ALA A 147 1.57 -15.26 -25.38
N ALA A 148 1.13 -14.15 -24.83
CA ALA A 148 1.60 -12.85 -25.29
C ALA A 148 3.09 -12.61 -25.04
N ALA A 149 3.60 -13.21 -23.95
CA ALA A 149 5.01 -13.19 -23.61
C ALA A 149 5.86 -13.75 -24.75
N LYS A 150 5.51 -14.95 -25.23
CA LYS A 150 6.25 -15.58 -26.31
C LYS A 150 6.40 -14.65 -27.52
N ILE A 151 5.28 -14.09 -27.98
CA ILE A 151 5.24 -13.07 -29.05
C ILE A 151 5.99 -11.76 -28.72
N MET A 152 5.73 -11.22 -27.53
CA MET A 152 6.37 -9.96 -27.16
C MET A 152 7.88 -10.06 -26.99
N LEU A 153 8.31 -11.16 -26.40
CA LEU A 153 9.72 -11.34 -26.09
C LEU A 153 10.54 -11.47 -27.37
N LYS A 154 9.98 -12.08 -28.41
CA LYS A 154 10.71 -12.10 -29.67
C LYS A 154 10.64 -10.74 -30.46
N GLN A 155 9.61 -9.92 -30.24
CA GLN A 155 9.58 -8.53 -30.81
C GLN A 155 10.47 -7.55 -30.03
N ARG A 156 10.96 -7.97 -28.87
CA ARG A 156 11.57 -7.06 -27.89
C ARG A 156 10.62 -5.87 -27.59
N SER A 157 9.31 -6.11 -27.59
CA SER A 157 8.37 -5.04 -27.26
C SER A 157 6.91 -5.44 -27.12
N GLY A 158 6.18 -4.62 -26.37
CA GLY A 158 4.80 -4.83 -26.07
C GLY A 158 4.44 -4.26 -24.74
N ARG A 159 3.15 -4.08 -24.55
CA ARG A 159 2.66 -3.68 -23.25
C ARG A 159 1.55 -4.64 -22.90
N ILE A 160 1.47 -5.02 -21.62
CA ILE A 160 0.35 -5.82 -21.08
C ILE A 160 -0.37 -5.03 -20.01
N ILE A 161 -1.69 -4.87 -20.14
CA ILE A 161 -2.53 -4.27 -19.11
C ILE A 161 -3.59 -5.27 -18.60
N ASN A 162 -3.59 -5.47 -17.30
CA ASN A 162 -4.53 -6.33 -16.61
C ASN A 162 -5.59 -5.48 -15.92
N ILE A 163 -6.85 -5.77 -16.21
CA ILE A 163 -7.93 -5.09 -15.51
C ILE A 163 -8.24 -5.79 -14.20
N ALA A 164 -7.91 -5.13 -13.09
CA ALA A 164 -8.10 -5.74 -11.79
C ALA A 164 -9.34 -5.11 -11.20
N SER A 165 -9.22 -4.45 -10.08
CA SER A 165 -10.43 -3.94 -9.41
C SER A 165 -10.05 -3.62 -8.01
N VAL A 166 -10.51 -2.46 -7.61
CA VAL A 166 -10.31 -1.94 -6.26
C VAL A 166 -10.67 -3.02 -5.18
N VAL A 167 -11.65 -3.87 -5.47
CA VAL A 167 -12.02 -4.96 -4.61
C VAL A 167 -10.88 -5.94 -4.31
N GLY A 168 -10.00 -6.16 -5.27
CA GLY A 168 -8.77 -6.94 -5.05
C GLY A 168 -7.83 -6.27 -4.05
N GLU A 169 -7.98 -4.97 -3.82
CA GLU A 169 -7.12 -4.27 -2.89
C GLU A 169 -7.78 -4.09 -1.51
N MET A 170 -9.11 -3.90 -1.48
CA MET A 170 -9.84 -3.63 -0.22
C MET A 170 -10.68 -4.82 0.25
N GLY A 171 -10.97 -5.78 -0.61
CA GLY A 171 -11.80 -6.89 -0.20
C GLY A 171 -13.23 -6.37 -0.23
N ASN A 172 -14.20 -7.28 -0.27
CA ASN A 172 -15.62 -6.91 -0.37
C ASN A 172 -16.57 -8.06 -0.04
N PRO A 173 -17.56 -7.83 0.84
CA PRO A 173 -18.53 -8.88 1.21
C PRO A 173 -19.25 -9.42 -0.01
N GLY A 174 -19.34 -10.74 -0.06
CA GLY A 174 -19.99 -11.40 -1.17
C GLY A 174 -19.04 -11.64 -2.32
N GLN A 175 -17.79 -11.18 -2.25
CA GLN A 175 -16.88 -11.33 -3.40
C GLN A 175 -15.53 -11.89 -3.02
N ALA A 176 -15.56 -12.88 -2.14
CA ALA A 176 -14.39 -13.65 -1.76
C ALA A 176 -13.68 -14.18 -3.01
N ASN A 177 -14.49 -14.72 -3.93
CA ASN A 177 -13.93 -15.28 -5.15
C ASN A 177 -13.32 -14.18 -5.98
N TYR A 178 -14.10 -13.13 -6.17
CA TYR A 178 -13.72 -12.08 -7.08
C TYR A 178 -12.50 -11.31 -6.57
N SER A 179 -12.48 -11.02 -5.27
CA SER A 179 -11.40 -10.24 -4.70
C SER A 179 -10.12 -11.03 -4.71
N ALA A 180 -10.26 -12.34 -4.48
CA ALA A 180 -9.12 -13.24 -4.51
C ALA A 180 -8.49 -13.26 -5.91
N ALA A 181 -9.36 -13.39 -6.92
CA ALA A 181 -8.92 -13.47 -8.30
C ALA A 181 -8.23 -12.17 -8.76
N LYS A 182 -8.86 -11.03 -8.44
CA LYS A 182 -8.31 -9.74 -8.84
C LYS A 182 -7.08 -9.37 -8.01
N ALA A 183 -7.01 -9.75 -6.74
CA ALA A 183 -5.77 -9.58 -5.98
C ALA A 183 -4.65 -10.43 -6.61
N GLY A 184 -5.00 -11.62 -7.08
CA GLY A 184 -4.04 -12.49 -7.76
C GLY A 184 -3.48 -11.85 -9.01
N VAL A 185 -4.38 -11.40 -9.87
CA VAL A 185 -4.01 -10.63 -11.06
C VAL A 185 -2.91 -9.60 -10.76
N ILE A 186 -3.06 -8.90 -9.64
CA ILE A 186 -2.14 -7.83 -9.21
C ILE A 186 -0.77 -8.42 -8.83
N GLY A 187 -0.78 -9.53 -8.11
CA GLY A 187 0.47 -10.25 -7.79
C GLY A 187 1.14 -10.78 -9.05
N LEU A 188 0.35 -11.40 -9.91
CA LEU A 188 0.88 -11.88 -11.19
C LEU A 188 1.53 -10.76 -11.95
N THR A 189 0.80 -9.66 -12.12
CA THR A 189 1.26 -8.47 -12.84
C THR A 189 2.66 -8.09 -12.45
N LYS A 190 2.92 -8.03 -11.16
CA LYS A 190 4.17 -7.54 -10.71
C LYS A 190 5.31 -8.55 -10.99
N THR A 191 4.97 -9.85 -10.97
CA THR A 191 5.97 -10.88 -11.26
C THR A 191 6.33 -10.87 -12.75
N VAL A 192 5.29 -10.78 -13.59
CA VAL A 192 5.43 -10.83 -15.04
C VAL A 192 6.11 -9.54 -15.50
N ALA A 193 5.87 -8.47 -14.75
CA ALA A 193 6.64 -7.26 -15.00
C ALA A 193 8.12 -7.55 -14.78
N LYS A 194 8.45 -8.10 -13.61
CA LYS A 194 9.86 -8.33 -13.27
C LYS A 194 10.53 -9.22 -14.31
N GLU A 195 9.79 -10.22 -14.79
CA GLU A 195 10.27 -11.17 -15.78
C GLU A 195 10.42 -10.62 -17.17
N LEU A 196 9.63 -9.65 -17.58
CA LEU A 196 9.67 -9.21 -18.96
C LEU A 196 10.41 -7.88 -19.18
N ALA A 197 10.80 -7.25 -18.08
CA ALA A 197 11.38 -5.89 -18.01
C ALA A 197 12.63 -5.67 -18.80
N SER A 198 13.49 -6.68 -18.83
CA SER A 198 14.77 -6.61 -19.53
C SER A 198 14.62 -6.55 -21.06
N ARG A 199 13.43 -6.84 -21.57
CA ARG A 199 13.19 -6.63 -23.00
C ARG A 199 12.38 -5.33 -23.25
N GLY A 200 12.09 -4.56 -22.19
CA GLY A 200 11.39 -3.30 -22.39
C GLY A 200 9.87 -3.38 -22.42
N ILE A 201 9.34 -4.58 -22.16
CA ILE A 201 7.91 -4.85 -22.09
C ILE A 201 7.38 -4.47 -20.75
N THR A 202 6.37 -3.62 -20.74
CA THR A 202 5.73 -3.22 -19.49
C THR A 202 4.47 -4.06 -19.20
N VAL A 203 4.14 -4.16 -17.91
CA VAL A 203 3.08 -5.00 -17.42
C VAL A 203 2.43 -4.28 -16.24
N ASN A 204 1.25 -3.69 -16.45
CA ASN A 204 0.58 -2.95 -15.42
C ASN A 204 -0.87 -3.39 -15.18
N ALA A 205 -1.52 -2.79 -14.18
CA ALA A 205 -2.88 -3.08 -13.83
C ALA A 205 -3.65 -1.77 -13.73
N VAL A 206 -4.92 -1.82 -14.10
CA VAL A 206 -5.82 -0.70 -13.87
C VAL A 206 -6.93 -1.21 -12.97
N ALA A 207 -7.08 -0.61 -11.80
CA ALA A 207 -8.05 -1.04 -10.79
C ALA A 207 -9.22 -0.07 -10.83
N PRO A 208 -10.29 -0.41 -11.57
CA PRO A 208 -11.55 0.33 -11.54
C PRO A 208 -12.24 0.31 -10.18
N GLY A 209 -12.90 1.42 -9.81
CA GLY A 209 -13.81 1.39 -8.68
C GLY A 209 -15.16 0.93 -9.19
N PHE A 210 -16.19 1.66 -8.79
CA PHE A 210 -17.56 1.41 -9.18
C PHE A 210 -17.91 2.18 -10.44
N ILE A 211 -18.11 1.47 -11.55
CA ILE A 211 -18.36 2.05 -12.89
C ILE A 211 -19.81 1.82 -13.34
N ALA A 212 -20.42 2.85 -13.94
CA ALA A 212 -21.82 2.86 -14.40
C ALA A 212 -22.22 1.61 -15.16
N THR A 213 -21.49 1.34 -16.23
CA THR A 213 -21.74 0.18 -17.08
C THR A 213 -21.54 -1.20 -16.39
N ASP A 214 -20.35 -1.41 -15.80
CA ASP A 214 -19.79 -2.73 -15.36
C ASP A 214 -18.95 -3.42 -16.50
N MET A 215 -18.57 -4.70 -16.32
CA MET A 215 -18.01 -5.58 -17.41
C MET A 215 -17.03 -4.96 -18.39
N ALA A 221 -25.01 0.10 -5.09
CA ALA A 221 -26.27 0.80 -5.10
C ALA A 221 -26.32 1.95 -4.06
N GLU A 222 -27.21 2.92 -4.30
CA GLU A 222 -27.64 3.95 -3.32
C GLU A 222 -26.49 4.64 -2.53
N LYS A 223 -26.28 4.24 -1.27
CA LYS A 223 -25.31 4.90 -0.40
C LYS A 223 -23.85 4.46 -0.62
N LEU A 224 -23.51 4.06 -1.84
CA LEU A 224 -22.12 3.78 -2.22
C LEU A 224 -21.42 5.06 -2.67
N LEU A 225 -22.24 6.02 -3.09
CA LEU A 225 -21.82 7.33 -3.55
C LEU A 225 -21.22 8.17 -2.43
N GLU A 226 -21.74 8.03 -1.21
CA GLU A 226 -21.27 8.87 -0.10
C GLU A 226 -19.92 8.37 0.42
N VAL A 227 -19.48 7.26 -0.18
CA VAL A 227 -18.22 6.62 0.13
C VAL A 227 -17.15 6.95 -0.97
N ILE A 228 -17.62 7.38 -2.16
CA ILE A 228 -16.75 7.83 -3.25
C ILE A 228 -16.60 9.34 -3.18
N PRO A 229 -15.38 9.82 -2.89
CA PRO A 229 -15.19 11.28 -2.70
C PRO A 229 -15.74 12.14 -3.85
N LEU A 230 -15.55 11.67 -5.09
CA LEU A 230 -15.97 12.38 -6.30
C LEU A 230 -17.48 12.28 -6.58
N GLY A 231 -18.18 11.45 -5.81
CA GLY A 231 -19.66 11.52 -5.75
C GLY A 231 -20.46 11.06 -6.96
N ARG A 232 -19.79 10.31 -7.85
CA ARG A 232 -20.39 9.71 -9.07
C ARG A 232 -19.71 8.37 -9.31
N TYR A 233 -20.33 7.52 -10.11
CA TYR A 233 -19.64 6.37 -10.70
C TYR A 233 -18.72 6.86 -11.81
N GLY A 234 -17.71 6.03 -12.09
CA GLY A 234 -16.81 6.24 -13.21
C GLY A 234 -17.56 5.85 -14.45
N GLU A 235 -17.13 6.40 -15.57
CA GLU A 235 -17.66 6.00 -16.85
C GLU A 235 -16.72 4.92 -17.46
N ALA A 236 -17.27 3.99 -18.27
CA ALA A 236 -16.44 2.94 -18.89
C ALA A 236 -15.25 3.53 -19.67
N ALA A 237 -15.57 4.54 -20.51
CA ALA A 237 -14.62 5.37 -21.25
C ALA A 237 -13.50 5.95 -20.35
N GLU A 238 -13.84 6.23 -19.09
CA GLU A 238 -12.82 6.73 -18.18
C GLU A 238 -11.77 5.67 -17.85
N VAL A 239 -12.20 4.44 -17.64
CA VAL A 239 -11.22 3.38 -17.48
C VAL A 239 -10.51 3.11 -18.79
N ALA A 240 -11.27 3.13 -19.88
CA ALA A 240 -10.67 3.02 -21.21
C ALA A 240 -9.50 3.97 -21.41
N GLY A 241 -9.66 5.23 -21.03
CA GLY A 241 -8.59 6.20 -21.16
C GLY A 241 -7.28 5.95 -20.37
N VAL A 242 -7.37 5.42 -19.16
CA VAL A 242 -6.16 5.13 -18.38
C VAL A 242 -5.44 4.04 -19.09
N VAL A 243 -6.19 3.06 -19.61
CA VAL A 243 -5.64 1.91 -20.33
C VAL A 243 -4.91 2.36 -21.61
N ARG A 244 -5.57 3.18 -22.43
CA ARG A 244 -4.93 3.82 -23.57
C ARG A 244 -3.60 4.56 -23.23
N PHE A 245 -3.60 5.33 -22.16
CA PHE A 245 -2.40 5.96 -21.73
C PHE A 245 -1.27 4.92 -21.51
N LEU A 246 -1.55 3.86 -20.76
CA LEU A 246 -0.48 2.84 -20.53
C LEU A 246 -0.09 2.06 -21.78
N ALA A 247 -1.01 1.95 -22.74
CA ALA A 247 -0.75 1.11 -23.91
C ALA A 247 -0.01 1.84 -24.97
N ALA A 248 -0.23 3.17 -25.01
CA ALA A 248 0.13 4.00 -26.13
C ALA A 248 1.02 5.21 -25.81
N ASP A 249 0.99 5.75 -24.59
CA ASP A 249 1.73 6.99 -24.35
C ASP A 249 3.21 6.69 -24.17
N PRO A 250 4.11 7.45 -24.84
CA PRO A 250 5.54 7.19 -24.65
C PRO A 250 5.96 7.31 -23.22
N ALA A 251 5.37 8.23 -22.47
CA ALA A 251 5.73 8.41 -21.07
C ALA A 251 5.55 7.11 -20.24
N ALA A 252 4.48 6.35 -20.55
CA ALA A 252 4.22 5.08 -19.87
C ALA A 252 5.27 3.97 -20.08
N ALA A 253 6.20 4.19 -21.02
CA ALA A 253 7.33 3.21 -21.23
C ALA A 253 8.20 3.03 -19.99
N TYR A 254 8.15 3.99 -19.07
CA TYR A 254 8.91 3.86 -17.85
C TYR A 254 8.06 3.50 -16.62
N ILE A 255 6.80 3.08 -16.83
CA ILE A 255 5.91 2.56 -15.77
C ILE A 255 5.78 1.04 -15.99
N THR A 256 6.11 0.24 -14.97
CA THR A 256 5.93 -1.21 -15.01
C THR A 256 5.70 -1.78 -13.63
N GLY A 257 4.80 -2.76 -13.54
CA GLY A 257 4.46 -3.37 -12.26
C GLY A 257 3.54 -2.52 -11.37
N GLN A 258 2.73 -1.65 -11.97
CA GLN A 258 2.07 -0.67 -11.13
C GLN A 258 0.62 -0.98 -11.22
N VAL A 259 -0.10 -0.58 -10.18
CA VAL A 259 -1.55 -0.70 -10.18
C VAL A 259 -2.02 0.75 -10.11
N ILE A 260 -2.84 1.17 -11.08
CA ILE A 260 -3.46 2.52 -11.10
C ILE A 260 -4.97 2.47 -10.81
N ASN A 261 -5.34 3.04 -9.67
CA ASN A 261 -6.75 3.08 -9.29
C ASN A 261 -7.47 4.20 -10.05
N ILE A 262 -8.61 3.86 -10.67
CA ILE A 262 -9.53 4.82 -11.24
C ILE A 262 -10.94 4.68 -10.63
N ASP A 263 -11.16 5.32 -9.48
CA ASP A 263 -12.28 5.03 -8.57
C ASP A 263 -12.81 6.31 -7.85
N GLY A 264 -12.60 7.48 -8.44
CA GLY A 264 -13.05 8.73 -7.86
C GLY A 264 -12.62 8.94 -6.42
N GLY A 265 -11.51 8.29 -6.06
CA GLY A 265 -10.90 8.40 -4.74
C GLY A 265 -11.36 7.38 -3.70
N LEU A 266 -11.98 6.31 -4.15
CA LEU A 266 -12.56 5.33 -3.26
C LEU A 266 -11.54 4.65 -2.38
N VAL A 267 -10.35 4.38 -2.90
CA VAL A 267 -9.24 3.81 -2.17
C VAL A 267 -8.03 4.68 -2.39
N MET A 268 -7.48 5.20 -1.28
CA MET A 268 -6.22 5.97 -1.34
C MET A 268 -5.08 5.18 -0.64
N ALA A 269 -4.24 4.56 -1.51
CA ALA A 269 -3.03 3.69 -1.22
C ALA A 269 -3.06 2.72 0.03
N LEU B 24 9.55 -12.12 32.36
CA LEU B 24 9.13 -10.69 32.12
C LEU B 24 10.11 -9.98 31.14
N PRO B 25 9.67 -9.80 29.88
CA PRO B 25 10.63 -9.66 28.78
C PRO B 25 11.28 -8.29 28.63
N LEU B 26 10.92 -7.35 29.49
CA LEU B 26 11.55 -6.04 29.48
C LEU B 26 12.23 -5.69 30.81
N THR B 27 12.35 -6.69 31.67
CA THR B 27 13.15 -6.62 32.89
C THR B 27 14.55 -6.08 32.55
N ASP B 28 14.91 -5.00 33.23
CA ASP B 28 16.24 -4.40 33.06
C ASP B 28 16.39 -3.53 31.83
N ARG B 29 15.31 -3.44 31.03
CA ARG B 29 15.30 -2.57 29.85
C ARG B 29 14.64 -1.21 30.18
N ILE B 30 15.06 -0.19 29.44
CA ILE B 30 14.64 1.20 29.68
C ILE B 30 13.83 1.75 28.49
N ALA B 31 12.66 2.33 28.79
CA ALA B 31 11.81 2.94 27.76
C ALA B 31 11.52 4.43 27.96
N LEU B 32 11.60 5.17 26.85
CA LEU B 32 11.10 6.57 26.76
C LEU B 32 9.86 6.55 25.94
N VAL B 33 8.80 7.15 26.48
CA VAL B 33 7.59 7.37 25.71
C VAL B 33 7.41 8.87 25.67
N THR B 34 7.25 9.47 24.48
CA THR B 34 6.95 10.89 24.44
C THR B 34 5.47 11.10 24.42
N GLY B 35 5.04 12.22 25.02
CA GLY B 35 3.61 12.56 25.13
C GLY B 35 2.88 11.42 25.81
N ALA B 36 3.35 11.10 27.02
CA ALA B 36 2.83 9.96 27.78
C ALA B 36 1.80 10.28 28.88
N SER B 37 1.33 11.52 28.97
CA SER B 37 0.41 11.84 30.08
C SER B 37 -1.02 11.30 29.94
N ARG B 38 -1.53 11.15 28.72
CA ARG B 38 -2.93 10.72 28.57
C ARG B 38 -3.14 9.66 27.46
N GLY B 39 -4.29 9.03 27.39
CA GLY B 39 -4.72 8.36 26.16
C GLY B 39 -3.79 7.25 25.75
N ILE B 40 -3.41 7.24 24.49
CA ILE B 40 -2.55 6.19 23.99
C ILE B 40 -1.14 6.17 24.67
N GLY B 41 -0.51 7.34 24.82
CA GLY B 41 0.80 7.44 25.47
C GLY B 41 0.84 6.86 26.89
N ARG B 42 -0.16 7.25 27.70
CA ARG B 42 -0.37 6.71 29.04
C ARG B 42 -0.46 5.16 29.03
N ALA B 43 -1.40 4.61 28.27
CA ALA B 43 -1.55 3.17 28.15
C ALA B 43 -0.23 2.47 27.73
N ILE B 44 0.46 3.00 26.71
CA ILE B 44 1.74 2.44 26.27
C ILE B 44 2.74 2.40 27.44
N ALA B 45 2.87 3.51 28.16
CA ALA B 45 3.74 3.62 29.34
C ALA B 45 3.42 2.58 30.43
N LEU B 46 2.18 2.52 30.87
CA LEU B 46 1.71 1.44 31.71
C LEU B 46 2.10 0.08 31.13
N GLU B 47 1.79 -0.12 29.87
CA GLU B 47 1.92 -1.41 29.28
C GLU B 47 3.39 -1.85 29.21
N LEU B 48 4.34 -0.91 29.12
CA LEU B 48 5.75 -1.33 29.03
C LEU B 48 6.37 -1.58 30.40
N ALA B 49 6.00 -0.72 31.36
CA ALA B 49 6.29 -0.96 32.79
C ALA B 49 5.87 -2.35 33.17
N ALA B 50 4.65 -2.74 32.81
CA ALA B 50 4.14 -4.01 33.24
C ALA B 50 4.88 -5.14 32.56
N ALA B 51 5.51 -4.88 31.42
CA ALA B 51 6.34 -5.91 30.74
C ALA B 51 7.79 -5.90 31.27
N GLY B 52 8.09 -5.03 32.23
CA GLY B 52 9.40 -5.05 32.85
C GLY B 52 10.15 -3.74 32.85
N ALA B 53 9.79 -2.86 31.92
CA ALA B 53 10.67 -1.74 31.64
C ALA B 53 10.52 -0.67 32.69
N LYS B 54 11.62 0.00 32.97
CA LYS B 54 11.63 1.29 33.64
C LYS B 54 11.30 2.34 32.58
N VAL B 55 10.38 3.24 32.89
CA VAL B 55 9.75 4.07 31.86
C VAL B 55 9.88 5.57 32.15
N ALA B 56 10.55 6.30 31.27
CA ALA B 56 10.55 7.75 31.35
C ALA B 56 9.23 8.23 30.71
N VAL B 57 8.41 8.88 31.52
CA VAL B 57 7.16 9.40 31.07
C VAL B 57 7.36 10.86 30.67
N ASN B 58 7.51 11.16 29.38
CA ASN B 58 7.60 12.55 28.95
C ASN B 58 6.22 13.20 28.85
N TYR B 59 6.17 14.51 29.07
CA TYR B 59 4.93 15.28 29.00
C TYR B 59 5.29 16.71 28.61
N ALA B 60 4.32 17.47 28.12
CA ALA B 60 4.59 18.84 27.75
C ALA B 60 3.76 19.87 28.57
N SER B 61 2.52 19.55 28.87
CA SER B 61 1.62 20.46 29.61
C SER B 61 1.28 19.99 31.05
N SER B 62 0.47 18.92 31.19
CA SER B 62 -0.01 18.54 32.52
C SER B 62 0.90 17.65 33.42
N ALA B 63 1.71 18.29 34.27
CA ALA B 63 2.41 17.61 35.37
C ALA B 63 1.50 16.64 36.15
N GLY B 64 0.29 17.06 36.52
CA GLY B 64 -0.57 16.20 37.35
C GLY B 64 -0.82 14.83 36.70
N ALA B 65 -1.29 14.86 35.46
CA ALA B 65 -1.43 13.67 34.65
C ALA B 65 -0.16 12.83 34.55
N ALA B 66 1.01 13.43 34.30
CA ALA B 66 2.24 12.62 34.19
C ALA B 66 2.51 11.83 35.50
N ASP B 67 2.27 12.48 36.63
CA ASP B 67 2.41 11.88 37.94
C ASP B 67 1.46 10.73 38.21
N GLU B 68 0.24 10.79 37.66
CA GLU B 68 -0.67 9.67 37.85
C GLU B 68 -0.09 8.44 37.14
N VAL B 69 0.39 8.66 35.92
CA VAL B 69 1.07 7.64 35.18
C VAL B 69 2.25 7.11 35.98
N VAL B 70 3.08 8.03 36.49
CA VAL B 70 4.21 7.64 37.34
C VAL B 70 3.70 6.86 38.56
N ALA B 71 2.68 7.36 39.27
CA ALA B 71 2.12 6.64 40.43
C ALA B 71 1.50 5.24 40.15
N ALA B 72 0.79 5.06 39.04
CA ALA B 72 0.21 3.74 38.71
C ALA B 72 1.35 2.72 38.49
N ILE B 73 2.45 3.21 37.92
CA ILE B 73 3.60 2.34 37.60
C ILE B 73 4.24 1.83 38.90
N ALA B 74 4.44 2.74 39.86
CA ALA B 74 4.94 2.36 41.20
C ALA B 74 3.89 1.62 42.05
N ALA B 75 2.61 1.93 41.89
CA ALA B 75 1.58 1.11 42.54
C ALA B 75 1.67 -0.34 42.05
N ALA B 76 1.81 -0.55 40.75
CA ALA B 76 2.04 -1.92 40.26
C ALA B 76 3.46 -2.37 40.65
N GLY B 77 4.18 -1.47 41.31
CA GLY B 77 5.51 -1.81 41.85
C GLY B 77 6.60 -1.89 40.81
N GLY B 78 6.54 -1.02 39.79
CA GLY B 78 7.61 -0.87 38.80
C GLY B 78 8.28 0.47 39.02
N GLU B 79 9.03 0.98 38.03
CA GLU B 79 9.70 2.26 38.17
C GLU B 79 9.49 3.22 37.01
N ALA B 80 9.37 4.51 37.30
CA ALA B 80 9.20 5.56 36.33
C ALA B 80 9.59 6.94 36.86
N PHE B 81 9.74 7.89 35.96
CA PHE B 81 9.73 9.28 36.38
C PHE B 81 9.17 10.19 35.31
N ALA B 82 8.68 11.34 35.76
CA ALA B 82 8.11 12.35 34.90
C ALA B 82 9.22 13.25 34.33
N VAL B 83 9.12 13.59 33.03
CA VAL B 83 9.99 14.61 32.40
C VAL B 83 9.25 15.62 31.52
N LYS B 84 9.20 16.88 31.96
CA LYS B 84 8.70 17.98 31.14
C LYS B 84 9.67 18.20 29.95
N ALA B 85 9.13 18.14 28.72
CA ALA B 85 9.88 18.52 27.52
C ALA B 85 8.96 18.63 26.33
N ASP B 86 9.16 19.68 25.57
CA ASP B 86 8.44 19.90 24.36
C ASP B 86 9.38 19.36 23.30
N VAL B 87 8.99 18.27 22.63
CA VAL B 87 9.94 17.58 21.77
C VAL B 87 10.13 18.19 20.36
N SER B 88 9.41 19.28 20.10
CA SER B 88 9.63 20.05 18.90
C SER B 88 10.86 20.95 19.05
N GLN B 89 11.34 21.12 20.30
CA GLN B 89 12.47 22.00 20.59
C GLN B 89 13.70 21.15 20.82
N GLU B 90 14.73 21.45 20.03
CA GLU B 90 15.98 20.70 19.97
C GLU B 90 16.67 20.54 21.32
N SER B 91 16.84 21.65 22.03
CA SER B 91 17.60 21.63 23.29
C SER B 91 16.76 20.97 24.37
N GLU B 92 15.44 21.06 24.22
CA GLU B 92 14.57 20.36 25.16
C GLU B 92 14.62 18.82 24.98
N VAL B 93 14.79 18.34 23.74
CA VAL B 93 14.97 16.89 23.59
C VAL B 93 16.33 16.49 24.02
N GLU B 94 17.30 17.37 23.84
CA GLU B 94 18.67 17.06 24.31
C GLU B 94 18.64 16.80 25.80
N ALA B 95 17.91 17.66 26.52
CA ALA B 95 17.73 17.54 27.99
C ALA B 95 16.76 16.43 28.45
N LEU B 96 15.90 15.97 27.54
CA LEU B 96 15.07 14.84 27.83
C LEU B 96 15.93 13.57 27.90
N PHE B 97 16.72 13.35 26.86
CA PHE B 97 17.54 12.15 26.80
C PHE B 97 18.66 12.21 27.86
N ALA B 98 19.21 13.40 28.09
CA ALA B 98 20.33 13.52 29.06
C ALA B 98 19.85 13.14 30.46
N ALA B 99 18.69 13.69 30.86
CA ALA B 99 18.03 13.26 32.09
C ALA B 99 17.85 11.74 32.17
N VAL B 100 17.51 11.11 31.03
CA VAL B 100 17.17 9.69 30.99
C VAL B 100 18.41 8.82 31.21
N ILE B 101 19.49 9.17 30.51
CA ILE B 101 20.77 8.50 30.63
C ILE B 101 21.42 8.70 32.03
N GLU B 102 21.32 9.91 32.57
CA GLU B 102 21.85 10.20 33.90
C GLU B 102 21.21 9.31 34.96
N ARG B 103 19.92 9.06 34.82
CA ARG B 103 19.20 8.26 35.77
C ARG B 103 19.45 6.74 35.60
N TRP B 104 19.33 6.24 34.38
CA TRP B 104 19.42 4.80 34.17
C TRP B 104 20.52 4.38 33.21
N GLY B 105 21.27 5.33 32.69
CA GLY B 105 22.43 5.03 31.84
C GLY B 105 22.28 4.32 30.50
N ARG B 106 21.05 4.13 30.02
CA ARG B 106 20.81 3.40 28.76
C ARG B 106 19.37 3.62 28.25
N LEU B 107 19.11 3.24 27.01
CA LEU B 107 17.76 3.35 26.42
C LEU B 107 17.57 2.22 25.45
N ASP B 108 16.55 1.42 25.71
CA ASP B 108 16.27 0.23 24.91
C ASP B 108 15.12 0.42 23.96
N VAL B 109 14.12 1.20 24.37
CA VAL B 109 12.86 1.38 23.62
C VAL B 109 12.47 2.85 23.56
N LEU B 110 12.23 3.37 22.37
CA LEU B 110 11.65 4.73 22.29
C LEU B 110 10.33 4.64 21.58
N VAL B 111 9.28 5.17 22.20
CA VAL B 111 7.98 5.32 21.55
C VAL B 111 7.67 6.81 21.27
N ASN B 112 7.71 7.20 19.98
CA ASN B 112 7.40 8.57 19.61
C ASN B 112 5.90 8.69 19.53
N ASN B 113 5.33 9.28 20.56
CA ASN B 113 3.91 9.38 20.61
C ASN B 113 3.37 10.81 20.67
N ALA B 114 4.23 11.79 20.97
CA ALA B 114 3.78 13.15 21.26
C ALA B 114 3.10 13.65 20.01
N GLY B 115 1.99 14.38 20.18
CA GLY B 115 1.20 14.86 19.06
C GLY B 115 0.12 15.89 19.41
N ILE B 116 -0.11 16.82 18.47
CA ILE B 116 -1.26 17.73 18.59
C ILE B 116 -2.13 17.68 17.33
N THR B 117 -3.29 18.30 17.39
CA THR B 117 -4.07 18.50 16.20
C THR B 117 -4.47 19.93 16.22
N ARG B 118 -4.61 20.54 15.07
CA ARG B 118 -5.22 21.88 14.94
C ARG B 118 -6.04 21.73 13.69
N ASP B 119 -7.27 21.23 13.86
CA ASP B 119 -8.15 20.90 12.74
C ASP B 119 -8.78 22.16 12.10
N THR B 120 -8.74 22.18 10.77
CA THR B 120 -9.40 23.16 9.89
C THR B 120 -9.24 22.62 8.48
N LEU B 121 -10.24 22.84 7.64
CA LEU B 121 -10.11 22.64 6.22
C LEU B 121 -8.94 23.48 5.65
N LEU B 122 -8.25 22.93 4.66
CA LEU B 122 -7.08 23.56 4.05
C LEU B 122 -7.29 25.04 3.70
N LEU B 123 -8.46 25.33 3.16
CA LEU B 123 -8.87 26.65 2.71
C LEU B 123 -8.57 27.77 3.73
N ARG B 124 -8.69 27.42 5.02
CA ARG B 124 -8.59 28.40 6.11
C ARG B 124 -7.57 28.03 7.20
N MET B 125 -6.76 27.01 6.92
CA MET B 125 -5.62 26.59 7.77
C MET B 125 -4.60 27.73 7.87
N LYS B 126 -4.48 28.29 9.08
CA LYS B 126 -3.45 29.29 9.36
C LYS B 126 -2.08 28.64 9.33
N ARG B 127 -1.13 29.28 8.67
CA ARG B 127 0.23 28.79 8.67
C ARG B 127 0.79 28.30 10.01
N ASP B 128 0.54 29.01 11.12
CA ASP B 128 1.02 28.58 12.48
C ASP B 128 0.41 27.23 12.95
N ASP B 129 -0.81 26.96 12.51
CA ASP B 129 -1.52 25.73 12.83
C ASP B 129 -0.99 24.58 11.97
N TRP B 130 -0.58 24.88 10.75
CA TRP B 130 0.18 23.93 9.98
C TRP B 130 1.53 23.67 10.67
N GLN B 131 2.26 24.73 11.05
CA GLN B 131 3.63 24.53 11.52
C GLN B 131 3.76 23.90 12.88
N SER B 132 2.93 24.29 13.82
CA SER B 132 3.04 23.74 15.14
C SER B 132 2.74 22.24 15.08
N VAL B 133 1.76 21.82 14.27
CA VAL B 133 1.47 20.41 14.13
C VAL B 133 2.62 19.66 13.51
N LEU B 134 3.20 20.20 12.42
CA LEU B 134 4.32 19.56 11.69
C LEU B 134 5.57 19.46 12.54
N ASP B 135 5.84 20.55 13.28
CA ASP B 135 7.03 20.63 14.12
C ASP B 135 7.02 19.60 15.26
N LEU B 136 5.90 19.49 15.98
CA LEU B 136 5.79 18.53 17.08
C LEU B 136 5.66 17.12 16.60
N ASN B 137 4.69 16.85 15.74
CA ASN B 137 4.29 15.50 15.35
C ASN B 137 5.25 14.78 14.49
N LEU B 138 5.91 15.52 13.59
CA LEU B 138 7.01 15.03 12.73
C LEU B 138 8.38 15.47 13.19
N GLY B 139 8.59 16.75 13.42
CA GLY B 139 9.94 17.23 13.82
C GLY B 139 10.38 16.54 15.11
N GLY B 140 9.38 16.24 15.94
CA GLY B 140 9.59 15.60 17.21
C GLY B 140 10.15 14.22 17.03
N VAL B 141 9.59 13.43 16.12
CA VAL B 141 10.16 12.12 15.87
C VAL B 141 11.45 12.18 15.07
N PHE B 142 11.68 13.29 14.34
CA PHE B 142 13.06 13.54 13.85
C PHE B 142 14.03 13.70 15.04
N LEU B 143 13.88 14.79 15.81
CA LEU B 143 14.73 15.10 16.95
C LEU B 143 15.00 13.92 17.93
N CYS B 144 13.95 13.17 18.24
CA CYS B 144 13.98 12.06 19.23
C CYS B 144 14.62 10.81 18.66
N SER B 145 14.29 10.47 17.41
CA SER B 145 14.95 9.39 16.68
C SER B 145 16.43 9.71 16.60
N ARG B 146 16.81 10.91 16.14
CA ARG B 146 18.22 11.26 16.00
C ARG B 146 19.01 11.01 17.32
N ALA B 147 18.44 11.43 18.46
CA ALA B 147 19.03 11.24 19.79
C ALA B 147 19.07 9.77 20.20
N ALA B 148 18.03 9.05 19.82
CA ALA B 148 17.90 7.65 20.16
C ALA B 148 18.89 6.86 19.32
N ALA B 149 19.03 7.23 18.05
CA ALA B 149 20.00 6.57 17.18
C ALA B 149 21.40 6.65 17.77
N LYS B 150 21.83 7.83 18.23
CA LYS B 150 23.17 7.97 18.88
C LYS B 150 23.47 6.85 19.89
N ILE B 151 22.56 6.74 20.85
CA ILE B 151 22.64 5.82 21.97
C ILE B 151 22.53 4.40 21.49
N MET B 152 21.48 4.09 20.73
CA MET B 152 21.24 2.71 20.33
C MET B 152 22.40 2.15 19.51
N LEU B 153 23.00 2.99 18.66
CA LEU B 153 24.14 2.58 17.91
C LEU B 153 25.33 2.19 18.82
N LYS B 154 25.65 3.00 19.83
CA LYS B 154 26.69 2.62 20.78
C LYS B 154 26.39 1.25 21.39
N GLN B 155 25.10 0.94 21.56
CA GLN B 155 24.61 -0.26 22.27
C GLN B 155 24.54 -1.47 21.36
N ARG B 156 24.59 -1.24 20.06
CA ARG B 156 24.27 -2.23 19.05
C ARG B 156 22.94 -2.94 19.41
N SER B 157 21.97 -2.17 19.90
CA SER B 157 20.67 -2.73 20.22
C SER B 157 19.61 -1.67 20.48
N GLY B 158 18.37 -2.01 20.15
CA GLY B 158 17.26 -1.15 20.50
C GLY B 158 16.08 -1.35 19.59
N ARG B 159 14.99 -0.65 19.93
CA ARG B 159 13.71 -0.64 19.20
C ARG B 159 13.03 0.70 19.36
N ILE B 160 12.55 1.20 18.23
CA ILE B 160 11.87 2.47 18.13
C ILE B 160 10.51 2.19 17.56
N ILE B 161 9.47 2.76 18.15
CA ILE B 161 8.12 2.62 17.61
C ILE B 161 7.46 3.98 17.50
N ASN B 162 7.04 4.31 16.28
CA ASN B 162 6.37 5.57 16.03
C ASN B 162 4.88 5.35 15.94
N ILE B 163 4.12 6.15 16.65
CA ILE B 163 2.68 6.14 16.55
C ILE B 163 2.30 7.08 15.46
N ALA B 164 1.81 6.51 14.37
CA ALA B 164 1.35 7.32 13.23
C ALA B 164 -0.14 7.33 13.35
N SER B 165 -0.88 7.06 12.29
CA SER B 165 -2.34 7.18 12.32
C SER B 165 -2.84 6.74 10.98
N VAL B 166 -3.95 6.06 11.00
CA VAL B 166 -4.58 5.63 9.77
C VAL B 166 -4.82 6.86 8.84
N VAL B 167 -5.00 8.01 9.46
CA VAL B 167 -5.20 9.25 8.75
C VAL B 167 -3.99 9.74 7.94
N GLY B 168 -2.80 9.31 8.30
CA GLY B 168 -1.64 9.57 7.49
C GLY B 168 -1.65 8.68 6.25
N GLU B 169 -2.35 7.56 6.31
CA GLU B 169 -2.41 6.67 5.13
C GLU B 169 -3.61 6.92 4.19
N MET B 170 -4.79 7.34 4.71
CA MET B 170 -5.99 7.55 3.86
C MET B 170 -6.43 9.03 3.75
N GLY B 171 -5.78 9.91 4.51
CA GLY B 171 -6.19 11.29 4.55
C GLY B 171 -7.55 11.46 5.20
N ASN B 172 -7.83 12.67 5.68
CA ASN B 172 -9.07 13.00 6.35
C ASN B 172 -9.31 14.50 6.34
N PRO B 173 -10.46 14.94 5.83
CA PRO B 173 -10.82 16.36 5.77
C PRO B 173 -10.74 17.05 7.13
N GLY B 174 -10.19 18.26 7.10
CA GLY B 174 -9.94 19.07 8.30
C GLY B 174 -8.52 18.87 8.83
N GLN B 175 -7.77 17.93 8.25
CA GLN B 175 -6.48 17.50 8.82
C GLN B 175 -5.38 17.35 7.79
N ALA B 176 -5.16 18.37 6.97
CA ALA B 176 -4.03 18.40 6.06
C ALA B 176 -2.75 18.30 6.84
N ASN B 177 -2.68 19.00 7.97
CA ASN B 177 -1.44 19.04 8.78
C ASN B 177 -1.19 17.72 9.50
N TYR B 178 -2.19 17.24 10.24
CA TYR B 178 -2.05 15.95 10.90
C TYR B 178 -1.74 14.83 9.87
N SER B 179 -2.53 14.73 8.78
CA SER B 179 -2.24 13.71 7.75
C SER B 179 -0.82 13.81 7.13
N ALA B 180 -0.36 15.04 6.85
CA ALA B 180 1.00 15.21 6.34
C ALA B 180 2.02 14.74 7.39
N ALA B 181 1.87 15.27 8.59
CA ALA B 181 2.76 14.89 9.69
C ALA B 181 2.85 13.36 9.86
N LYS B 182 1.69 12.71 9.98
CA LYS B 182 1.69 11.26 10.19
C LYS B 182 2.12 10.48 8.98
N ALA B 183 1.75 10.91 7.78
CA ALA B 183 2.31 10.25 6.61
C ALA B 183 3.81 10.38 6.64
N GLY B 184 4.33 11.52 7.09
CA GLY B 184 5.75 11.76 7.03
C GLY B 184 6.47 10.95 8.09
N VAL B 185 5.84 10.77 9.26
CA VAL B 185 6.34 9.88 10.30
C VAL B 185 6.52 8.50 9.72
N ILE B 186 5.59 8.04 8.85
CA ILE B 186 5.72 6.71 8.22
C ILE B 186 6.95 6.66 7.29
N GLY B 187 7.14 7.69 6.46
CA GLY B 187 8.33 7.77 5.60
C GLY B 187 9.63 7.84 6.40
N LEU B 188 9.64 8.63 7.47
CA LEU B 188 10.79 8.71 8.34
C LEU B 188 11.15 7.33 8.91
N THR B 189 10.12 6.61 9.37
CA THR B 189 10.26 5.26 9.92
C THR B 189 11.07 4.35 8.97
N LYS B 190 10.72 4.36 7.70
CA LYS B 190 11.39 3.49 6.76
C LYS B 190 12.86 3.82 6.57
N THR B 191 13.20 5.10 6.53
CA THR B 191 14.57 5.45 6.30
C THR B 191 15.36 5.12 7.56
N VAL B 192 14.84 5.50 8.72
CA VAL B 192 15.54 5.24 9.96
C VAL B 192 15.70 3.74 10.16
N ALA B 193 14.69 2.95 9.73
CA ALA B 193 14.87 1.49 9.75
C ALA B 193 16.03 1.11 8.85
N LYS B 194 16.05 1.61 7.63
CA LYS B 194 17.12 1.22 6.75
C LYS B 194 18.52 1.57 7.32
N GLU B 195 18.65 2.70 8.01
CA GLU B 195 19.97 3.17 8.44
C GLU B 195 20.44 2.41 9.67
N LEU B 196 19.48 2.01 10.52
CA LEU B 196 19.82 1.37 11.80
C LEU B 196 19.80 -0.15 11.74
N ALA B 197 19.37 -0.76 10.63
CA ALA B 197 19.25 -2.23 10.56
C ALA B 197 20.55 -3.05 10.73
N SER B 198 21.67 -2.55 10.22
CA SER B 198 22.95 -3.30 10.28
C SER B 198 23.30 -3.68 11.74
N ARG B 199 23.03 -2.74 12.67
CA ARG B 199 23.22 -2.91 14.12
C ARG B 199 22.03 -3.63 14.87
N GLY B 200 21.09 -4.21 14.12
CA GLY B 200 19.98 -4.95 14.73
C GLY B 200 18.85 -4.13 15.37
N ILE B 201 18.92 -2.80 15.26
CA ILE B 201 17.89 -1.95 15.81
C ILE B 201 16.65 -1.92 14.90
N THR B 202 15.47 -2.16 15.46
CA THR B 202 14.25 -2.14 14.66
C THR B 202 13.56 -0.82 14.84
N VAL B 203 12.93 -0.35 13.76
CA VAL B 203 12.13 0.87 13.71
C VAL B 203 10.83 0.55 13.01
N ASN B 204 9.71 0.76 13.68
CA ASN B 204 8.41 0.40 13.14
C ASN B 204 7.37 1.45 13.53
N ALA B 205 6.18 1.34 12.96
CA ALA B 205 5.15 2.30 13.32
C ALA B 205 3.87 1.58 13.64
N VAL B 206 3.09 2.16 14.53
CA VAL B 206 1.74 1.64 14.81
C VAL B 206 0.78 2.65 14.31
N ALA B 207 -0.12 2.25 13.42
CA ALA B 207 -1.13 3.20 12.93
C ALA B 207 -2.51 3.01 13.56
N PRO B 208 -2.80 3.71 14.64
CA PRO B 208 -4.10 3.55 15.26
C PRO B 208 -5.26 4.07 14.41
N GLY B 209 -6.40 3.39 14.44
CA GLY B 209 -7.62 3.99 13.96
C GLY B 209 -8.27 4.96 14.95
N PHE B 210 -9.57 4.88 15.06
CA PHE B 210 -10.32 5.72 15.98
C PHE B 210 -10.44 5.03 17.33
N ILE B 211 -9.86 5.69 18.32
CA ILE B 211 -9.80 5.19 19.65
C ILE B 211 -10.70 6.03 20.53
N ALA B 212 -11.70 5.37 21.11
CA ALA B 212 -12.71 5.99 22.00
C ALA B 212 -12.25 7.03 23.02
N THR B 213 -11.11 6.81 23.67
CA THR B 213 -10.67 7.72 24.73
C THR B 213 -9.45 8.57 24.36
N ASP B 214 -9.14 8.57 23.06
CA ASP B 214 -8.03 9.33 22.53
C ASP B 214 -8.31 9.46 21.02
N MET B 215 -9.39 10.20 20.73
CA MET B 215 -9.90 10.34 19.37
C MET B 215 -8.97 11.17 18.48
N THR B 216 -8.87 10.80 17.21
CA THR B 216 -7.96 11.49 16.27
C THR B 216 -8.65 12.68 15.63
N SER B 217 -9.86 12.37 15.14
CA SER B 217 -10.85 13.31 14.58
C SER B 217 -12.20 12.92 15.20
N GLU B 218 -13.11 13.87 15.37
CA GLU B 218 -14.34 13.56 16.13
C GLU B 218 -15.53 13.36 15.18
N LEU B 219 -15.48 14.02 14.02
CA LEU B 219 -16.51 13.95 12.96
C LEU B 219 -16.50 12.61 12.17
N ALA B 220 -15.35 11.91 12.24
CA ALA B 220 -15.21 10.55 11.68
C ALA B 220 -15.38 9.42 12.76
N LYS B 223 -20.78 8.56 12.03
CA LYS B 223 -21.42 7.79 10.97
C LYS B 223 -20.41 6.87 10.22
N LEU B 224 -19.14 7.32 10.06
CA LEU B 224 -18.01 6.47 9.56
C LEU B 224 -17.81 5.10 10.31
N LEU B 225 -18.28 5.04 11.57
CA LEU B 225 -18.51 3.78 12.30
C LEU B 225 -19.29 2.65 11.54
N GLU B 226 -19.97 3.01 10.45
CA GLU B 226 -20.62 2.05 9.56
C GLU B 226 -19.58 1.52 8.59
N VAL B 227 -18.41 2.13 8.55
CA VAL B 227 -17.34 1.59 7.71
C VAL B 227 -16.19 1.03 8.50
N ILE B 228 -16.24 1.10 9.83
CA ILE B 228 -15.32 0.31 10.66
C ILE B 228 -15.88 -1.13 10.78
N PRO B 229 -15.34 -2.09 10.01
CA PRO B 229 -15.94 -3.42 10.02
C PRO B 229 -16.27 -4.02 11.37
N LEU B 230 -15.42 -3.80 12.38
CA LEU B 230 -15.71 -4.38 13.71
C LEU B 230 -16.82 -3.67 14.48
N GLY B 231 -17.22 -2.47 14.05
CA GLY B 231 -18.40 -1.78 14.63
C GLY B 231 -18.15 -1.10 15.96
N ARG B 232 -16.89 -1.07 16.37
CA ARG B 232 -16.51 -0.35 17.57
C ARG B 232 -15.29 0.52 17.33
N TYR B 233 -15.13 1.55 18.17
CA TYR B 233 -13.86 2.25 18.33
C TYR B 233 -12.90 1.34 19.09
N GLY B 234 -11.60 1.64 19.01
CA GLY B 234 -10.61 0.91 19.75
C GLY B 234 -10.37 1.45 21.16
N GLU B 235 -9.57 0.69 21.93
CA GLU B 235 -9.09 1.13 23.25
C GLU B 235 -7.59 1.36 23.29
N ALA B 236 -7.16 2.24 24.19
CA ALA B 236 -5.77 2.60 24.32
C ALA B 236 -4.90 1.38 24.66
N ALA B 237 -5.35 0.60 25.64
CA ALA B 237 -4.71 -0.64 26.07
C ALA B 237 -4.48 -1.50 24.79
N GLU B 238 -5.51 -1.60 23.94
CA GLU B 238 -5.34 -2.25 22.63
C GLU B 238 -4.16 -1.72 21.82
N VAL B 239 -4.05 -0.41 21.64
CA VAL B 239 -2.90 0.11 20.89
C VAL B 239 -1.56 -0.18 21.64
N ALA B 240 -1.62 -0.08 22.96
CA ALA B 240 -0.46 -0.32 23.81
C ALA B 240 0.04 -1.73 23.59
N GLY B 241 -0.92 -2.63 23.41
CA GLY B 241 -0.65 -4.04 23.18
C GLY B 241 0.19 -4.27 21.94
N VAL B 242 -0.11 -3.59 20.84
CA VAL B 242 0.70 -3.77 19.67
C VAL B 242 2.11 -3.19 19.82
N VAL B 243 2.21 -2.07 20.51
CA VAL B 243 3.48 -1.45 20.78
C VAL B 243 4.36 -2.38 21.64
N ARG B 244 3.78 -2.90 22.73
CA ARG B 244 4.48 -3.80 23.59
C ARG B 244 5.05 -4.94 22.77
N PHE B 245 4.19 -5.62 22.03
CA PHE B 245 4.68 -6.69 21.17
C PHE B 245 5.93 -6.22 20.36
N LEU B 246 5.84 -5.09 19.64
CA LEU B 246 7.02 -4.64 18.89
C LEU B 246 8.22 -4.29 19.75
N ALA B 247 7.96 -3.85 20.99
CA ALA B 247 9.02 -3.40 21.88
C ALA B 247 9.76 -4.57 22.53
N ALA B 248 9.01 -5.64 22.79
CA ALA B 248 9.42 -6.66 23.76
C ALA B 248 9.41 -8.10 23.23
N ASP B 249 8.43 -8.43 22.41
CA ASP B 249 8.37 -9.79 21.95
C ASP B 249 9.65 -10.19 21.17
N PRO B 250 10.13 -11.45 21.34
CA PRO B 250 11.32 -11.88 20.56
C PRO B 250 11.03 -12.02 19.07
N ALA B 251 9.78 -12.32 18.71
CA ALA B 251 9.46 -12.47 17.28
C ALA B 251 9.53 -11.12 16.54
N ALA B 252 9.41 -10.01 17.26
CA ALA B 252 9.42 -8.70 16.64
C ALA B 252 10.82 -8.22 16.35
N ALA B 253 11.82 -9.08 16.64
CA ALA B 253 13.22 -8.79 16.27
C ALA B 253 13.49 -8.83 14.73
N TYR B 254 12.59 -9.48 13.97
CA TYR B 254 12.71 -9.63 12.49
C TYR B 254 11.73 -8.72 11.68
N ILE B 255 11.12 -7.77 12.38
CA ILE B 255 10.14 -6.87 11.81
C ILE B 255 10.71 -5.47 11.90
N THR B 256 10.93 -4.82 10.78
CA THR B 256 11.39 -3.43 10.79
C THR B 256 10.82 -2.68 9.58
N GLY B 257 10.69 -1.36 9.71
CA GLY B 257 10.17 -0.50 8.65
C GLY B 257 8.75 -0.90 8.29
N GLN B 258 8.04 -1.51 9.24
CA GLN B 258 6.63 -1.86 9.04
C GLN B 258 5.67 -0.91 9.70
N VAL B 259 4.48 -0.86 9.13
CA VAL B 259 3.40 -0.10 9.73
C VAL B 259 2.32 -1.12 10.11
N ILE B 260 1.90 -1.14 11.37
CA ILE B 260 0.79 -2.01 11.80
C ILE B 260 -0.48 -1.23 12.12
N ASN B 261 -1.50 -1.48 11.35
CA ASN B 261 -2.78 -0.79 11.57
C ASN B 261 -3.52 -1.50 12.67
N ILE B 262 -4.04 -0.74 13.64
CA ILE B 262 -4.91 -1.30 14.65
C ILE B 262 -6.09 -0.37 14.66
N ASP B 263 -7.11 -0.77 13.90
CA ASP B 263 -8.08 0.17 13.38
C ASP B 263 -9.40 -0.53 13.05
N GLY B 264 -9.63 -1.71 13.60
CA GLY B 264 -10.93 -2.35 13.44
C GLY B 264 -11.23 -2.79 12.01
N GLY B 265 -10.23 -2.64 11.14
CA GLY B 265 -10.30 -3.04 9.73
C GLY B 265 -10.61 -1.87 8.80
N LEU B 266 -10.58 -0.66 9.34
CA LEU B 266 -10.92 0.54 8.60
C LEU B 266 -10.10 0.76 7.33
N VAL B 267 -8.79 0.51 7.43
CA VAL B 267 -7.93 0.59 6.27
C VAL B 267 -7.32 -0.77 5.99
N MET B 268 -7.83 -1.42 4.95
CA MET B 268 -7.23 -2.66 4.48
C MET B 268 -6.27 -2.43 3.28
N ALA B 269 -5.73 -1.22 3.20
CA ALA B 269 -4.87 -0.68 2.09
C ALA B 269 -5.46 -0.96 0.69
N LEU C 24 -2.54 -18.50 30.80
CA LEU C 24 -2.15 -18.90 29.40
C LEU C 24 -3.32 -18.63 28.44
N PRO C 25 -3.16 -17.64 27.54
CA PRO C 25 -4.27 -17.04 26.78
C PRO C 25 -5.08 -18.02 25.94
N LEU C 26 -4.50 -19.17 25.60
CA LEU C 26 -5.21 -20.12 24.77
C LEU C 26 -5.67 -21.40 25.46
N THR C 27 -5.93 -21.32 26.75
CA THR C 27 -6.60 -22.40 27.46
C THR C 27 -8.12 -22.10 27.38
N ASP C 28 -8.97 -23.09 27.14
CA ASP C 28 -8.65 -24.31 26.46
C ASP C 28 -9.23 -24.03 25.08
N ARG C 29 -8.72 -22.96 24.48
CA ARG C 29 -8.96 -22.62 23.08
C ARG C 29 -8.44 -23.75 22.17
N ILE C 30 -9.07 -23.96 21.02
CA ILE C 30 -8.63 -25.00 20.05
C ILE C 30 -8.07 -24.39 18.74
N ALA C 31 -6.99 -24.96 18.22
CA ALA C 31 -6.38 -24.47 16.98
C ALA C 31 -6.10 -25.57 15.95
N LEU C 32 -6.37 -25.24 14.68
CA LEU C 32 -6.05 -26.04 13.51
C LEU C 32 -4.97 -25.32 12.73
N VAL C 33 -3.87 -26.00 12.43
CA VAL C 33 -2.82 -25.47 11.57
C VAL C 33 -2.61 -26.39 10.36
N THR C 34 -3.00 -25.93 9.16
CA THR C 34 -2.78 -26.69 7.96
C THR C 34 -1.29 -26.74 7.61
N GLY C 35 -0.87 -27.84 7.00
CA GLY C 35 0.50 -28.08 6.61
C GLY C 35 1.44 -27.83 7.76
N ALA C 36 1.16 -28.47 8.90
CA ALA C 36 1.92 -28.24 10.12
C ALA C 36 3.01 -29.28 10.38
N SER C 37 3.38 -30.04 9.34
CA SER C 37 4.35 -31.14 9.44
C SER C 37 5.81 -30.68 9.66
N ARG C 38 6.17 -29.49 9.17
CA ARG C 38 7.54 -28.94 9.25
C ARG C 38 7.65 -27.39 9.12
N GLY C 39 8.86 -26.87 9.29
CA GLY C 39 9.18 -25.46 9.07
C GLY C 39 8.28 -24.48 9.78
N ILE C 40 7.73 -23.52 9.02
CA ILE C 40 6.84 -22.52 9.60
C ILE C 40 5.63 -23.14 10.31
N GLY C 41 4.87 -23.99 9.63
CA GLY C 41 3.77 -24.74 10.28
C GLY C 41 4.13 -25.35 11.62
N ARG C 42 5.30 -26.00 11.71
CA ARG C 42 5.81 -26.63 12.92
C ARG C 42 5.85 -25.61 14.04
N ALA C 43 6.81 -24.70 13.93
CA ALA C 43 6.99 -23.65 14.91
C ALA C 43 5.65 -23.04 15.39
N ILE C 44 4.67 -22.97 14.49
CA ILE C 44 3.34 -22.39 14.75
C ILE C 44 2.52 -23.22 15.70
N ALA C 45 2.44 -24.51 15.38
CA ALA C 45 1.79 -25.53 16.19
C ALA C 45 2.48 -25.56 17.54
N LEU C 46 3.81 -25.59 17.48
CA LEU C 46 4.67 -25.50 18.64
C LEU C 46 4.44 -24.25 19.51
N GLU C 47 4.06 -23.12 18.91
CA GLU C 47 3.86 -21.93 19.72
C GLU C 47 2.45 -21.82 20.24
N LEU C 48 1.49 -22.17 19.39
CA LEU C 48 0.11 -22.13 19.80
C LEU C 48 -0.10 -23.10 20.95
N ALA C 49 0.62 -24.22 20.95
CA ALA C 49 0.60 -25.15 22.09
C ALA C 49 1.08 -24.46 23.36
N ALA C 50 2.33 -23.98 23.31
CA ALA C 50 2.98 -23.42 24.47
C ALA C 50 2.20 -22.26 25.11
N ALA C 51 1.12 -21.81 24.45
CA ALA C 51 0.30 -20.70 24.94
C ALA C 51 -1.07 -21.19 25.39
N GLY C 52 -1.20 -22.51 25.51
CA GLY C 52 -2.38 -23.12 26.14
C GLY C 52 -3.25 -24.00 25.25
N ALA C 53 -3.13 -23.79 23.94
CA ALA C 53 -4.10 -24.29 22.97
C ALA C 53 -3.99 -25.77 22.75
N LYS C 54 -5.07 -26.35 22.26
CA LYS C 54 -5.09 -27.73 21.85
C LYS C 54 -4.93 -27.71 20.35
N VAL C 55 -3.85 -28.30 19.86
CA VAL C 55 -3.46 -28.10 18.48
C VAL C 55 -3.82 -29.31 17.63
N ALA C 56 -4.50 -29.00 16.52
CA ALA C 56 -4.77 -29.93 15.43
C ALA C 56 -3.72 -29.72 14.33
N VAL C 57 -2.98 -30.78 14.03
CA VAL C 57 -1.76 -30.73 13.23
C VAL C 57 -1.97 -31.45 11.93
N ASN C 58 -2.55 -30.74 10.97
CA ASN C 58 -2.86 -31.27 9.64
C ASN C 58 -1.61 -31.67 8.83
N TYR C 59 -1.74 -32.72 8.02
CA TYR C 59 -0.70 -33.07 7.05
C TYR C 59 -1.27 -33.51 5.70
N ALA C 60 -0.41 -33.54 4.70
CA ALA C 60 -0.78 -33.92 3.34
C ALA C 60 -0.28 -35.30 2.98
N SER C 61 0.95 -35.59 3.40
CA SER C 61 1.74 -36.70 2.87
C SER C 61 1.99 -37.79 3.93
N SER C 62 3.22 -37.82 4.45
CA SER C 62 3.57 -38.77 5.51
C SER C 62 3.40 -38.17 6.91
N ALA C 63 2.99 -39.02 7.86
CA ALA C 63 2.71 -38.60 9.23
C ALA C 63 3.96 -38.57 10.10
N GLY C 64 5.07 -39.09 9.54
CA GLY C 64 6.34 -39.15 10.28
C GLY C 64 6.63 -37.81 10.92
N ALA C 65 6.60 -36.77 10.08
CA ALA C 65 6.87 -35.38 10.44
C ALA C 65 5.88 -34.85 11.47
N ALA C 66 4.60 -35.00 11.14
CA ALA C 66 3.51 -34.56 11.99
C ALA C 66 3.56 -35.23 13.39
N ASP C 67 3.54 -36.56 13.42
CA ASP C 67 3.55 -37.30 14.69
C ASP C 67 4.68 -36.84 15.61
N GLU C 68 5.76 -36.33 15.02
CA GLU C 68 6.85 -35.70 15.79
C GLU C 68 6.38 -34.47 16.57
N VAL C 69 5.69 -33.57 15.85
CA VAL C 69 5.10 -32.38 16.43
C VAL C 69 4.11 -32.79 17.54
N VAL C 70 3.11 -33.60 17.18
CA VAL C 70 2.18 -34.15 18.17
C VAL C 70 2.93 -34.75 19.37
N ALA C 71 3.91 -35.61 19.10
CA ALA C 71 4.74 -36.19 20.18
C ALA C 71 5.49 -35.15 20.98
N ALA C 72 5.85 -34.04 20.34
CA ALA C 72 6.65 -32.99 21.01
C ALA C 72 5.82 -32.00 21.87
N ILE C 73 4.59 -31.74 21.42
CA ILE C 73 3.65 -30.94 22.19
C ILE C 73 3.28 -31.60 23.53
N ALA C 74 2.95 -32.89 23.54
CA ALA C 74 2.57 -33.61 24.78
C ALA C 74 3.72 -33.73 25.76
N ALA C 75 4.92 -33.91 25.23
CA ALA C 75 6.15 -33.88 26.01
C ALA C 75 6.20 -32.64 26.91
N ALA C 76 6.07 -31.46 26.29
CA ALA C 76 6.09 -30.16 27.01
C ALA C 76 4.85 -29.92 27.90
N GLY C 77 3.83 -30.78 27.74
CA GLY C 77 2.63 -30.79 28.58
C GLY C 77 1.35 -30.16 28.00
N GLY C 78 1.22 -30.17 26.67
CA GLY C 78 0.01 -29.66 25.98
C GLY C 78 -0.84 -30.80 25.41
N GLU C 79 -1.69 -30.48 24.44
CA GLU C 79 -2.55 -31.48 23.82
C GLU C 79 -2.65 -31.31 22.31
N ALA C 80 -1.93 -32.15 21.57
CA ALA C 80 -1.95 -32.10 20.11
C ALA C 80 -2.61 -33.35 19.57
N PHE C 81 -2.86 -33.37 18.27
CA PHE C 81 -3.36 -34.57 17.61
C PHE C 81 -3.28 -34.42 16.09
N ALA C 82 -2.94 -35.51 15.38
CA ALA C 82 -2.63 -35.46 13.95
C ALA C 82 -3.80 -35.85 13.07
N VAL C 83 -3.92 -35.21 11.91
CA VAL C 83 -4.98 -35.50 10.93
C VAL C 83 -4.46 -35.43 9.48
N LYS C 84 -4.76 -36.46 8.69
CA LYS C 84 -4.47 -36.47 7.26
C LYS C 84 -5.51 -35.58 6.61
N ALA C 85 -5.13 -34.86 5.55
CA ALA C 85 -6.06 -34.09 4.71
C ALA C 85 -5.27 -33.33 3.66
N ASP C 86 -5.54 -33.62 2.40
CA ASP C 86 -5.04 -32.82 1.29
C ASP C 86 -5.95 -31.61 1.15
N VAL C 87 -5.53 -30.54 1.81
CA VAL C 87 -6.30 -29.33 2.03
C VAL C 87 -6.83 -28.67 0.73
N SER C 88 -6.49 -29.25 -0.41
CA SER C 88 -6.96 -28.72 -1.72
C SER C 88 -8.22 -29.41 -2.25
N GLN C 89 -8.84 -30.25 -1.40
CA GLN C 89 -9.98 -31.06 -1.83
C GLN C 89 -11.17 -30.89 -0.88
N GLU C 90 -12.28 -30.37 -1.43
CA GLU C 90 -13.52 -30.13 -0.67
C GLU C 90 -13.78 -31.19 0.42
N SER C 91 -14.02 -32.43 0.00
CA SER C 91 -14.39 -33.48 0.95
C SER C 91 -13.32 -33.77 2.01
N GLU C 92 -12.05 -33.59 1.63
CA GLU C 92 -10.96 -33.84 2.57
C GLU C 92 -10.92 -32.79 3.70
N VAL C 93 -11.24 -31.54 3.37
CA VAL C 93 -11.34 -30.50 4.41
C VAL C 93 -12.60 -30.67 5.28
N GLU C 94 -13.68 -31.18 4.68
CA GLU C 94 -14.90 -31.54 5.43
C GLU C 94 -14.57 -32.59 6.47
N ALA C 95 -13.90 -33.62 5.99
CA ALA C 95 -13.37 -34.66 6.86
C ALA C 95 -12.47 -34.05 7.93
N LEU C 96 -11.60 -33.12 7.53
CA LEU C 96 -10.72 -32.46 8.48
C LEU C 96 -11.48 -31.60 9.53
N PHE C 97 -12.54 -30.92 9.10
CA PHE C 97 -13.31 -30.09 10.05
C PHE C 97 -14.34 -30.89 10.87
N ALA C 98 -14.66 -32.12 10.46
CA ALA C 98 -15.56 -32.96 11.26
C ALA C 98 -14.79 -33.57 12.43
N ALA C 99 -13.54 -33.95 12.15
CA ALA C 99 -12.64 -34.52 13.16
C ALA C 99 -12.30 -33.56 14.32
N VAL C 100 -11.85 -32.34 14.01
CA VAL C 100 -11.60 -31.36 15.07
C VAL C 100 -12.85 -31.12 15.89
N ILE C 101 -13.98 -31.06 15.21
CA ILE C 101 -15.27 -31.00 15.89
C ILE C 101 -15.52 -32.28 16.74
N GLU C 102 -15.43 -33.47 16.12
CA GLU C 102 -15.59 -34.74 16.87
C GLU C 102 -14.79 -34.77 18.18
N ARG C 103 -13.53 -34.35 18.14
CA ARG C 103 -12.65 -34.48 19.30
C ARG C 103 -12.88 -33.41 20.36
N TRP C 104 -13.02 -32.15 19.92
CA TRP C 104 -13.13 -31.07 20.89
C TRP C 104 -14.39 -30.17 20.81
N GLY C 105 -15.28 -30.42 19.86
CA GLY C 105 -16.49 -29.60 19.67
C GLY C 105 -16.32 -28.08 19.76
N ARG C 106 -15.32 -27.53 19.05
CA ARG C 106 -15.06 -26.08 18.96
C ARG C 106 -13.70 -25.77 18.27
N LEU C 107 -13.62 -24.62 17.61
CA LEU C 107 -12.39 -24.20 16.95
C LEU C 107 -12.22 -22.71 17.16
N ASP C 108 -11.21 -22.34 17.95
CA ASP C 108 -10.95 -20.92 18.21
C ASP C 108 -10.07 -20.19 17.17
N VAL C 109 -9.17 -20.92 16.53
CA VAL C 109 -8.12 -20.35 15.69
C VAL C 109 -7.87 -21.26 14.52
N LEU C 110 -7.77 -20.70 13.31
CA LEU C 110 -7.31 -21.47 12.16
C LEU C 110 -6.13 -20.76 11.52
N VAL C 111 -5.07 -21.50 11.25
CA VAL C 111 -3.93 -20.96 10.52
C VAL C 111 -3.83 -21.67 9.17
N ASN C 112 -4.21 -20.98 8.11
CA ASN C 112 -3.97 -21.49 6.78
C ASN C 112 -2.52 -21.29 6.42
N ASN C 113 -1.79 -22.40 6.23
CA ASN C 113 -0.32 -22.34 6.00
C ASN C 113 0.20 -23.32 4.96
N ALA C 114 -0.61 -24.32 4.64
CA ALA C 114 -0.16 -25.33 3.72
C ALA C 114 -0.06 -24.72 2.34
N GLY C 115 1.13 -24.85 1.75
CA GLY C 115 1.39 -24.47 0.37
C GLY C 115 2.60 -25.16 -0.25
N ILE C 116 2.68 -25.07 -1.57
CA ILE C 116 3.80 -25.65 -2.33
C ILE C 116 4.34 -24.66 -3.36
N THR C 117 5.48 -24.99 -3.97
CA THR C 117 6.04 -24.18 -5.03
C THR C 117 6.36 -25.07 -6.23
N ARG C 118 6.35 -24.46 -7.41
CA ARG C 118 6.81 -25.09 -8.59
C ARG C 118 7.34 -23.97 -9.45
N ASP C 119 8.60 -23.65 -9.26
CA ASP C 119 9.17 -22.43 -9.83
C ASP C 119 9.84 -22.60 -11.20
N THR C 120 9.24 -21.96 -12.21
CA THR C 120 9.86 -21.77 -13.54
C THR C 120 9.49 -20.35 -14.03
N LEU C 121 10.19 -19.85 -15.05
CA LEU C 121 9.83 -18.58 -15.73
C LEU C 121 8.48 -18.68 -16.44
N LEU C 122 7.75 -17.59 -16.60
CA LEU C 122 6.41 -17.66 -17.16
C LEU C 122 6.33 -18.41 -18.50
N LEU C 123 7.31 -18.15 -19.39
CA LEU C 123 7.47 -18.87 -20.68
C LEU C 123 7.44 -20.40 -20.60
N ARG C 124 8.06 -20.96 -19.56
CA ARG C 124 8.22 -22.42 -19.38
C ARG C 124 7.08 -23.07 -18.58
N MET C 125 6.39 -22.29 -17.73
CA MET C 125 5.36 -22.80 -16.80
C MET C 125 4.25 -23.58 -17.53
N LYS C 126 4.12 -24.86 -17.16
CA LYS C 126 3.05 -25.72 -17.66
C LYS C 126 1.79 -25.37 -16.90
N ARG C 127 0.65 -25.52 -17.57
CA ARG C 127 -0.66 -25.27 -17.01
C ARG C 127 -0.95 -26.06 -15.70
N ASP C 128 -0.53 -27.32 -15.64
CA ASP C 128 -0.71 -28.12 -14.43
C ASP C 128 0.08 -27.55 -13.28
N ASP C 129 1.17 -26.87 -13.61
CA ASP C 129 2.06 -26.35 -12.60
C ASP C 129 1.53 -25.04 -12.04
N TRP C 130 0.82 -24.28 -12.87
CA TRP C 130 0.01 -23.15 -12.42
C TRP C 130 -1.14 -23.63 -11.49
N GLN C 131 -1.93 -24.62 -11.94
CA GLN C 131 -3.13 -25.05 -11.18
C GLN C 131 -2.88 -25.66 -9.82
N SER C 132 -1.91 -26.55 -9.72
CA SER C 132 -1.66 -27.22 -8.46
C SER C 132 -1.29 -26.20 -7.38
N VAL C 133 -0.45 -25.23 -7.77
CA VAL C 133 -0.04 -24.19 -6.84
C VAL C 133 -1.22 -23.28 -6.43
N LEU C 134 -2.08 -22.89 -7.39
CA LEU C 134 -3.29 -22.11 -7.10
C LEU C 134 -4.32 -22.88 -6.28
N ASP C 135 -4.67 -24.08 -6.73
CA ASP C 135 -5.58 -24.98 -6.00
C ASP C 135 -5.16 -25.15 -4.54
N LEU C 136 -3.89 -25.40 -4.28
CA LEU C 136 -3.50 -25.68 -2.91
C LEU C 136 -3.27 -24.43 -2.08
N ASN C 137 -2.48 -23.52 -2.62
CA ASN C 137 -2.08 -22.33 -1.90
C ASN C 137 -3.18 -21.38 -1.66
N LEU C 138 -4.08 -21.24 -2.64
CA LEU C 138 -5.22 -20.30 -2.54
C LEU C 138 -6.53 -21.05 -2.29
N GLY C 139 -6.78 -22.07 -3.11
CA GLY C 139 -7.97 -22.89 -2.99
C GLY C 139 -8.06 -23.49 -1.60
N GLY C 140 -6.93 -23.97 -1.08
CA GLY C 140 -6.87 -24.49 0.28
C GLY C 140 -7.26 -23.48 1.34
N VAL C 141 -6.78 -22.26 1.19
CA VAL C 141 -7.23 -21.24 2.10
C VAL C 141 -8.73 -20.87 1.89
N PHE C 142 -9.25 -20.95 0.67
CA PHE C 142 -10.71 -20.84 0.49
C PHE C 142 -11.49 -21.92 1.27
N LEU C 143 -11.12 -23.18 1.09
CA LEU C 143 -11.84 -24.32 1.69
C LEU C 143 -11.87 -24.31 3.21
N CYS C 144 -10.72 -24.14 3.83
CA CYS C 144 -10.66 -24.14 5.29
C CYS C 144 -11.34 -22.90 5.87
N SER C 145 -11.16 -21.76 5.22
CA SER C 145 -11.82 -20.52 5.65
C SER C 145 -13.31 -20.64 5.59
N ARG C 146 -13.83 -21.27 4.54
CA ARG C 146 -15.26 -21.48 4.44
C ARG C 146 -15.74 -22.38 5.58
N ALA C 147 -15.03 -23.48 5.79
CA ALA C 147 -15.35 -24.35 6.91
C ALA C 147 -15.32 -23.61 8.26
N ALA C 148 -14.23 -22.89 8.54
CA ALA C 148 -14.06 -22.22 9.83
C ALA C 148 -15.13 -21.14 10.07
N ALA C 149 -15.48 -20.42 9.02
CA ALA C 149 -16.59 -19.48 9.05
C ALA C 149 -17.81 -20.08 9.75
N LYS C 150 -18.33 -21.17 9.19
CA LYS C 150 -19.53 -21.89 9.68
C LYS C 150 -19.50 -22.09 11.20
N ILE C 151 -18.38 -22.65 11.66
CA ILE C 151 -18.09 -22.87 13.05
C ILE C 151 -17.91 -21.58 13.87
N MET C 152 -17.24 -20.58 13.31
CA MET C 152 -16.85 -19.40 14.11
C MET C 152 -17.98 -18.38 14.25
N LEU C 153 -18.86 -18.34 13.26
CA LEU C 153 -20.09 -17.52 13.31
C LEU C 153 -21.07 -18.08 14.34
N LYS C 154 -21.31 -19.39 14.30
CA LYS C 154 -22.13 -20.08 15.27
C LYS C 154 -21.64 -19.85 16.71
N GLN C 155 -20.32 -19.74 16.88
CA GLN C 155 -19.74 -19.44 18.19
C GLN C 155 -19.82 -17.96 18.51
N ARG C 156 -20.06 -17.14 17.48
CA ARG C 156 -19.96 -15.66 17.59
C ARG C 156 -18.56 -15.25 18.06
N SER C 157 -17.56 -16.08 17.70
CA SER C 157 -16.11 -15.84 18.01
C SER C 157 -15.11 -16.71 17.20
N GLY C 158 -13.90 -16.19 17.02
CA GLY C 158 -12.80 -16.90 16.35
C GLY C 158 -11.70 -16.01 15.74
N ARG C 159 -10.55 -16.62 15.40
CA ARG C 159 -9.48 -15.89 14.68
C ARG C 159 -8.84 -16.76 13.57
N ILE C 160 -8.64 -16.13 12.40
CA ILE C 160 -8.12 -16.77 11.20
C ILE C 160 -6.82 -16.05 10.84
N ILE C 161 -5.74 -16.82 10.65
CA ILE C 161 -4.45 -16.24 10.25
C ILE C 161 -3.88 -16.98 9.07
N ASN C 162 -3.77 -16.25 7.97
CA ASN C 162 -3.26 -16.77 6.73
C ASN C 162 -1.80 -16.43 6.55
N ILE C 163 -1.01 -17.42 6.21
CA ILE C 163 0.38 -17.18 5.86
C ILE C 163 0.38 -16.83 4.38
N ALA C 164 0.42 -15.55 4.07
CA ALA C 164 0.74 -15.14 2.69
C ALA C 164 2.24 -15.15 2.49
N SER C 165 2.74 -14.26 1.66
CA SER C 165 4.17 -14.14 1.50
C SER C 165 4.49 -12.77 1.00
N VAL C 166 5.74 -12.41 1.17
CA VAL C 166 6.22 -11.11 0.76
C VAL C 166 6.13 -11.04 -0.76
N VAL C 167 6.31 -12.17 -1.40
CA VAL C 167 6.30 -12.32 -2.85
C VAL C 167 4.96 -11.93 -3.51
N GLY C 168 3.85 -12.25 -2.87
CA GLY C 168 2.53 -11.78 -3.32
C GLY C 168 2.37 -10.27 -3.26
N GLU C 169 3.15 -9.62 -2.38
CA GLU C 169 3.20 -8.16 -2.39
C GLU C 169 4.12 -7.58 -3.45
N MET C 170 5.23 -8.23 -3.79
CA MET C 170 6.23 -7.56 -4.66
C MET C 170 6.47 -8.21 -6.03
N GLY C 171 5.97 -9.42 -6.24
CA GLY C 171 6.35 -10.16 -7.44
C GLY C 171 7.74 -10.79 -7.32
N ASN C 172 7.95 -11.96 -7.94
CA ASN C 172 9.26 -12.62 -7.97
C ASN C 172 9.48 -13.46 -9.23
N PRO C 173 10.53 -13.16 -10.03
CA PRO C 173 10.81 -14.01 -11.22
C PRO C 173 10.81 -15.53 -10.90
N GLY C 174 10.15 -16.30 -11.77
CA GLY C 174 10.02 -17.75 -11.61
C GLY C 174 8.95 -18.19 -10.62
N GLN C 175 8.09 -17.26 -10.19
CA GLN C 175 7.03 -17.59 -9.23
C GLN C 175 5.68 -16.93 -9.53
N ALA C 176 5.31 -16.93 -10.81
CA ALA C 176 4.06 -16.35 -11.26
C ALA C 176 2.89 -17.04 -10.57
N ASN C 177 3.00 -18.34 -10.36
CA ASN C 177 1.98 -19.10 -9.62
C ASN C 177 1.94 -18.78 -8.13
N TYR C 178 3.06 -18.97 -7.43
CA TYR C 178 3.15 -18.70 -6.00
C TYR C 178 2.81 -17.23 -5.66
N SER C 179 3.26 -16.27 -6.47
CA SER C 179 3.01 -14.88 -6.20
C SER C 179 1.50 -14.59 -6.32
N ALA C 180 0.91 -15.06 -7.43
CA ALA C 180 -0.54 -14.91 -7.72
C ALA C 180 -1.39 -15.53 -6.62
N ALA C 181 -1.02 -16.72 -6.15
CA ALA C 181 -1.79 -17.40 -5.11
C ALA C 181 -1.71 -16.65 -3.80
N LYS C 182 -0.53 -16.17 -3.45
CA LYS C 182 -0.36 -15.50 -2.19
C LYS C 182 -1.03 -14.13 -2.24
N ALA C 183 -0.96 -13.45 -3.38
CA ALA C 183 -1.61 -12.16 -3.46
C ALA C 183 -3.11 -12.41 -3.27
N GLY C 184 -3.61 -13.48 -3.90
CA GLY C 184 -4.95 -14.04 -3.68
C GLY C 184 -5.25 -14.20 -2.20
N VAL C 185 -4.38 -14.89 -1.48
CA VAL C 185 -4.54 -15.06 -0.04
C VAL C 185 -4.75 -13.73 0.66
N ILE C 186 -4.02 -12.69 0.23
CA ILE C 186 -4.12 -11.39 0.86
C ILE C 186 -5.53 -10.77 0.63
N GLY C 187 -6.00 -10.80 -0.60
CA GLY C 187 -7.31 -10.23 -0.93
C GLY C 187 -8.44 -11.02 -0.32
N LEU C 188 -8.40 -12.35 -0.46
CA LEU C 188 -9.34 -13.23 0.23
C LEU C 188 -9.42 -12.80 1.69
N THR C 189 -8.27 -12.69 2.37
CA THR C 189 -8.24 -12.36 3.80
C THR C 189 -9.08 -11.12 4.07
N LYS C 190 -9.02 -10.14 3.17
CA LYS C 190 -9.64 -8.88 3.44
C LYS C 190 -11.14 -8.99 3.34
N THR C 191 -11.63 -9.68 2.32
CA THR C 191 -13.07 -9.99 2.22
C THR C 191 -13.58 -10.81 3.40
N VAL C 192 -12.86 -11.85 3.79
CA VAL C 192 -13.35 -12.67 4.88
C VAL C 192 -13.41 -11.83 6.14
N ALA C 193 -12.41 -10.97 6.36
CA ALA C 193 -12.43 -10.02 7.49
C ALA C 193 -13.72 -9.22 7.53
N LYS C 194 -14.14 -8.72 6.36
CA LYS C 194 -15.33 -7.88 6.30
C LYS C 194 -16.63 -8.66 6.56
N GLU C 195 -16.70 -9.90 6.11
CA GLU C 195 -17.94 -10.64 6.23
C GLU C 195 -18.15 -11.08 7.69
N LEU C 196 -17.02 -11.33 8.36
CA LEU C 196 -17.01 -11.97 9.64
C LEU C 196 -16.79 -11.01 10.78
N ALA C 197 -16.48 -9.76 10.51
CA ALA C 197 -16.13 -8.81 11.57
C ALA C 197 -17.27 -8.53 12.55
N SER C 198 -18.51 -8.72 12.12
CA SER C 198 -19.66 -8.23 12.91
C SER C 198 -19.89 -9.14 14.12
N ARG C 199 -19.23 -10.30 14.11
CA ARG C 199 -19.24 -11.16 15.28
C ARG C 199 -17.88 -11.15 15.99
N GLY C 200 -17.13 -10.05 15.87
CA GLY C 200 -15.80 -9.91 16.48
C GLY C 200 -14.71 -10.89 16.03
N ILE C 201 -14.96 -11.62 14.94
CA ILE C 201 -13.96 -12.55 14.39
C ILE C 201 -12.90 -11.81 13.57
N THR C 202 -11.62 -11.96 13.89
CA THR C 202 -10.53 -11.28 13.17
C THR C 202 -9.86 -12.19 12.20
N VAL C 203 -9.61 -11.65 11.01
CA VAL C 203 -9.01 -12.37 9.91
C VAL C 203 -7.84 -11.52 9.41
N ASN C 204 -6.63 -12.06 9.54
CA ASN C 204 -5.40 -11.38 9.15
C ASN C 204 -4.47 -12.25 8.36
N ALA C 205 -3.44 -11.66 7.80
CA ALA C 205 -2.44 -12.51 7.16
C ALA C 205 -1.08 -12.16 7.72
N VAL C 206 -0.16 -13.13 7.70
CA VAL C 206 1.22 -12.89 8.06
C VAL C 206 2.03 -13.25 6.84
N ALA C 207 2.86 -12.28 6.41
CA ALA C 207 3.70 -12.37 5.21
C ALA C 207 5.20 -12.58 5.53
N PRO C 208 5.64 -13.84 5.57
CA PRO C 208 7.06 -14.12 5.74
C PRO C 208 7.88 -13.55 4.60
N GLY C 209 9.05 -13.02 4.96
CA GLY C 209 10.11 -12.83 3.97
C GLY C 209 10.76 -14.18 3.65
N PHE C 210 12.08 -14.17 3.74
CA PHE C 210 12.90 -15.34 3.45
C PHE C 210 13.30 -16.03 4.75
N ILE C 211 12.65 -17.15 5.04
CA ILE C 211 12.82 -17.83 6.32
C ILE C 211 13.84 -19.00 6.17
N ALA C 212 14.69 -19.15 7.20
CA ALA C 212 15.84 -20.07 7.17
C ALA C 212 15.47 -21.54 7.06
N THR C 213 14.31 -21.91 7.60
CA THR C 213 13.76 -23.27 7.43
C THR C 213 13.48 -23.57 5.94
N LYS C 223 24.23 -12.54 -3.31
CA LYS C 223 23.26 -13.51 -2.82
C LYS C 223 22.45 -12.77 -1.77
N LEU C 224 21.25 -12.35 -2.17
CA LEU C 224 20.22 -11.76 -1.30
C LEU C 224 20.82 -10.85 -0.21
N LEU C 225 20.43 -11.05 1.06
CA LEU C 225 21.17 -10.57 2.26
C LEU C 225 21.76 -9.13 2.28
N GLU C 226 22.50 -8.74 1.22
CA GLU C 226 22.80 -7.31 0.94
C GLU C 226 21.50 -6.48 0.92
N VAL C 227 20.40 -7.16 0.62
CA VAL C 227 19.13 -6.53 0.32
C VAL C 227 18.07 -6.82 1.41
N ILE C 228 18.41 -7.65 2.40
CA ILE C 228 17.62 -7.70 3.60
C ILE C 228 18.27 -6.77 4.60
N PRO C 229 17.63 -5.62 4.87
CA PRO C 229 18.26 -4.63 5.73
C PRO C 229 18.74 -5.18 7.08
N LEU C 230 17.98 -6.08 7.69
CA LEU C 230 18.38 -6.78 8.93
C LEU C 230 19.56 -7.77 8.74
N GLY C 231 19.84 -8.11 7.49
CA GLY C 231 21.04 -8.86 7.10
C GLY C 231 21.08 -10.36 7.37
N ARG C 232 19.92 -11.00 7.46
CA ARG C 232 19.82 -12.44 7.75
C ARG C 232 18.47 -12.95 7.35
N TYR C 233 18.40 -14.26 7.09
CA TYR C 233 17.10 -14.96 7.04
C TYR C 233 16.33 -14.87 8.38
N GLY C 234 15.07 -15.23 8.33
CA GLY C 234 14.25 -15.28 9.50
C GLY C 234 14.10 -16.67 10.06
N GLU C 235 13.81 -16.74 11.34
CA GLU C 235 13.49 -18.01 11.94
C GLU C 235 12.00 -18.31 11.84
N ALA C 236 11.71 -19.59 11.59
CA ALA C 236 10.39 -20.20 11.75
C ALA C 236 9.70 -19.74 13.04
N ALA C 237 10.38 -19.94 14.18
CA ALA C 237 9.93 -19.46 15.51
C ALA C 237 9.59 -17.97 15.56
N GLU C 238 10.12 -17.19 14.65
CA GLU C 238 9.80 -15.78 14.59
C GLU C 238 8.44 -15.57 13.92
N VAL C 239 8.21 -16.26 12.81
CA VAL C 239 6.90 -16.13 12.13
C VAL C 239 5.75 -16.69 12.99
N ALA C 240 6.10 -17.59 13.89
CA ALA C 240 5.15 -18.25 14.76
C ALA C 240 4.77 -17.30 15.88
N GLY C 241 5.76 -16.48 16.26
CA GLY C 241 5.58 -15.54 17.34
C GLY C 241 4.51 -14.54 16.97
N VAL C 242 4.55 -14.12 15.70
CA VAL C 242 3.59 -13.16 15.15
C VAL C 242 2.18 -13.74 15.06
N VAL C 243 2.08 -14.91 14.44
CA VAL C 243 0.85 -15.65 14.39
C VAL C 243 0.27 -15.83 15.81
N ARG C 244 1.13 -16.19 16.80
CA ARG C 244 0.71 -16.23 18.21
C ARG C 244 0.11 -14.91 18.69
N PHE C 245 0.71 -13.79 18.32
CA PHE C 245 0.24 -12.50 18.81
C PHE C 245 -1.20 -12.27 18.32
N LEU C 246 -1.37 -12.48 17.03
CA LEU C 246 -2.65 -12.33 16.37
C LEU C 246 -3.69 -13.33 16.87
N ALA C 247 -3.25 -14.52 17.26
CA ALA C 247 -4.20 -15.50 17.70
C ALA C 247 -4.62 -15.28 19.17
N ALA C 248 -3.69 -14.82 20.00
CA ALA C 248 -3.86 -15.00 21.42
C ALA C 248 -4.05 -13.68 22.18
N ASP C 249 -3.42 -12.63 21.67
CA ASP C 249 -3.24 -11.42 22.41
C ASP C 249 -4.49 -10.58 22.38
N PRO C 250 -5.04 -10.22 23.56
CA PRO C 250 -6.23 -9.35 23.61
C PRO C 250 -6.13 -8.04 22.80
N ALA C 251 -4.95 -7.44 22.71
CA ALA C 251 -4.78 -6.23 21.91
C ALA C 251 -5.14 -6.44 20.44
N ALA C 252 -4.93 -7.65 19.96
CA ALA C 252 -5.20 -7.97 18.60
C ALA C 252 -6.67 -8.27 18.36
N ALA C 253 -7.52 -8.02 19.35
CA ALA C 253 -8.97 -8.14 19.09
C ALA C 253 -9.46 -7.07 18.08
N TYR C 254 -8.65 -6.03 17.87
CA TYR C 254 -9.06 -4.88 17.06
C TYR C 254 -8.23 -4.75 15.77
N ILE C 255 -7.51 -5.82 15.42
CA ILE C 255 -6.71 -5.87 14.21
C ILE C 255 -7.43 -6.81 13.29
N THR C 256 -7.90 -6.28 12.18
CA THR C 256 -8.41 -7.17 11.18
C THR C 256 -8.15 -6.58 9.80
N GLY C 257 -8.15 -7.47 8.82
CA GLY C 257 -7.91 -7.06 7.44
C GLY C 257 -6.48 -6.71 7.11
N GLN C 258 -5.52 -7.10 7.94
CA GLN C 258 -4.18 -6.57 7.87
C GLN C 258 -3.22 -7.63 7.42
N VAL C 259 -2.12 -7.19 6.81
CA VAL C 259 -1.03 -8.03 6.39
C VAL C 259 0.19 -7.46 7.13
N ILE C 260 0.88 -8.35 7.84
CA ILE C 260 2.05 -7.98 8.63
C ILE C 260 3.25 -8.75 8.09
N ASN C 261 4.29 -8.00 7.73
CA ASN C 261 5.53 -8.52 7.13
C ASN C 261 6.59 -8.79 8.18
N ILE C 262 7.01 -10.05 8.21
CA ILE C 262 8.11 -10.46 9.04
C ILE C 262 9.22 -10.90 8.06
N ASP C 263 9.97 -9.89 7.60
CA ASP C 263 10.82 -10.02 6.42
C ASP C 263 12.18 -9.30 6.55
N GLY C 264 12.47 -8.89 7.79
CA GLY C 264 13.70 -8.14 8.10
C GLY C 264 13.86 -6.84 7.33
N GLY C 265 12.73 -6.26 6.95
CA GLY C 265 12.73 -5.01 6.22
C GLY C 265 12.76 -5.17 4.73
N LEU C 266 12.65 -6.41 4.23
CA LEU C 266 12.70 -6.65 2.80
C LEU C 266 11.67 -5.76 2.08
N VAL C 267 10.41 -5.81 2.52
CA VAL C 267 9.36 -4.98 1.90
C VAL C 267 8.75 -4.01 2.89
N MET C 268 8.94 -2.70 2.66
CA MET C 268 8.35 -1.62 3.48
C MET C 268 7.24 -0.86 2.71
N ALA C 269 5.95 -1.04 3.00
CA ALA C 269 5.31 -2.07 3.86
C ALA C 269 4.13 -2.70 3.08
N LEU D 24 -5.90 20.75 -28.90
CA LEU D 24 -4.94 20.92 -27.76
C LEU D 24 -5.65 20.99 -26.41
N PRO D 25 -5.51 19.93 -25.60
CA PRO D 25 -6.40 19.79 -24.43
C PRO D 25 -6.35 20.97 -23.46
N LEU D 26 -5.20 21.61 -23.30
CA LEU D 26 -5.15 22.68 -22.31
C LEU D 26 -5.27 24.13 -22.82
N THR D 27 -5.82 24.30 -24.03
CA THR D 27 -6.00 25.65 -24.58
C THR D 27 -6.89 26.47 -23.65
N ASP D 28 -6.48 27.73 -23.48
CA ASP D 28 -7.13 28.73 -22.61
C ASP D 28 -7.02 28.36 -21.12
N ARG D 29 -6.28 27.31 -20.84
CA ARG D 29 -6.14 26.87 -19.48
C ARG D 29 -4.79 27.31 -18.92
N ILE D 30 -4.75 27.69 -17.64
CA ILE D 30 -3.53 28.20 -16.97
C ILE D 30 -2.94 27.17 -15.96
N ALA D 31 -1.60 26.97 -16.03
CA ALA D 31 -0.81 26.02 -15.19
C ALA D 31 0.35 26.69 -14.50
N LEU D 32 0.52 26.42 -13.21
CA LEU D 32 1.69 26.92 -12.46
C LEU D 32 2.52 25.72 -12.11
N VAL D 33 3.83 25.82 -12.26
CA VAL D 33 4.75 24.74 -11.92
C VAL D 33 5.83 25.35 -11.04
N THR D 34 5.91 24.91 -9.78
CA THR D 34 6.95 25.36 -8.85
C THR D 34 8.23 24.59 -9.12
N GLY D 35 9.39 25.20 -8.86
CA GLY D 35 10.69 24.56 -9.18
C GLY D 35 10.81 24.14 -10.65
N ALA D 36 10.39 25.04 -11.55
CA ALA D 36 10.24 24.71 -12.97
C ALA D 36 11.45 25.06 -13.84
N SER D 37 12.58 25.46 -13.24
CA SER D 37 13.76 25.87 -14.06
C SER D 37 14.47 24.77 -14.85
N ARG D 38 14.59 23.60 -14.27
CA ARG D 38 15.46 22.57 -14.83
C ARG D 38 14.87 21.17 -14.60
N GLY D 39 15.42 20.18 -15.29
CA GLY D 39 15.03 18.78 -15.13
C GLY D 39 13.55 18.47 -15.32
N ILE D 40 12.99 17.87 -14.28
CA ILE D 40 11.59 17.47 -14.18
C ILE D 40 10.60 18.64 -14.26
N GLY D 41 10.70 19.61 -13.35
CA GLY D 41 9.90 20.85 -13.48
C GLY D 41 9.96 21.50 -14.88
N ARG D 42 11.17 21.58 -15.47
CA ARG D 42 11.34 22.10 -16.85
C ARG D 42 10.48 21.30 -17.79
N ALA D 43 10.66 19.99 -17.76
CA ALA D 43 10.00 19.10 -18.67
C ALA D 43 8.47 19.26 -18.55
N ILE D 44 7.95 19.27 -17.33
CA ILE D 44 6.52 19.49 -17.09
C ILE D 44 6.07 20.81 -17.72
N ALA D 45 6.84 21.87 -17.52
CA ALA D 45 6.44 23.15 -18.08
C ALA D 45 6.40 23.10 -19.59
N LEU D 46 7.49 22.72 -20.25
CA LEU D 46 7.47 22.37 -21.67
C LEU D 46 6.23 21.53 -22.10
N GLU D 47 5.90 20.49 -21.33
CA GLU D 47 4.83 19.60 -21.69
C GLU D 47 3.43 20.17 -21.51
N LEU D 48 3.19 20.84 -20.38
CA LEU D 48 1.88 21.50 -20.25
C LEU D 48 1.65 22.62 -21.35
N ALA D 49 2.76 23.26 -21.77
CA ALA D 49 2.74 24.27 -22.83
C ALA D 49 2.42 23.61 -24.15
N ALA D 50 3.18 22.58 -24.47
CA ALA D 50 2.89 21.78 -25.65
C ALA D 50 1.39 21.36 -25.72
N ALA D 51 0.77 21.11 -24.57
CA ALA D 51 -0.62 20.73 -24.48
C ALA D 51 -1.60 21.91 -24.56
N GLY D 52 -1.06 23.14 -24.52
CA GLY D 52 -1.85 24.35 -24.81
C GLY D 52 -2.01 25.38 -23.70
N ALA D 53 -1.51 25.05 -22.51
CA ALA D 53 -1.71 25.88 -21.34
C ALA D 53 -0.78 27.04 -21.44
N LYS D 54 -1.20 28.20 -20.90
CA LYS D 54 -0.26 29.27 -20.57
C LYS D 54 0.40 28.85 -19.25
N VAL D 55 1.72 28.81 -19.22
CA VAL D 55 2.43 28.24 -18.08
C VAL D 55 3.15 29.30 -17.29
N ALA D 56 2.94 29.33 -15.98
CA ALA D 56 3.79 30.14 -15.13
C ALA D 56 4.97 29.29 -14.59
N VAL D 57 6.21 29.70 -14.93
CA VAL D 57 7.42 28.94 -14.63
C VAL D 57 8.07 29.53 -13.40
N ASN D 58 7.80 28.96 -12.24
CA ASN D 58 8.32 29.50 -10.97
C ASN D 58 9.75 29.03 -10.74
N TYR D 59 10.61 29.93 -10.31
CA TYR D 59 11.98 29.62 -9.91
C TYR D 59 12.19 30.27 -8.55
N ALA D 60 13.21 29.78 -7.86
CA ALA D 60 13.50 30.15 -6.45
C ALA D 60 14.46 31.33 -6.38
N SER D 61 15.58 31.24 -7.08
CA SER D 61 16.61 32.27 -6.98
C SER D 61 17.10 32.70 -8.35
N SER D 62 18.09 31.99 -8.90
CA SER D 62 18.61 32.34 -10.21
C SER D 62 17.60 32.02 -11.34
N ALA D 63 17.41 33.00 -12.22
CA ALA D 63 16.36 33.00 -13.22
C ALA D 63 16.87 32.70 -14.63
N GLY D 64 18.18 32.52 -14.75
CA GLY D 64 18.81 32.17 -16.02
C GLY D 64 18.10 30.97 -16.63
N ALA D 65 18.01 29.92 -15.85
CA ALA D 65 17.28 28.73 -16.29
C ALA D 65 15.75 28.93 -16.52
N ALA D 66 15.06 29.71 -15.69
CA ALA D 66 13.63 29.94 -15.91
C ALA D 66 13.39 30.59 -17.26
N ASP D 67 14.36 31.43 -17.67
CA ASP D 67 14.31 32.25 -18.86
C ASP D 67 14.43 31.35 -20.10
N GLU D 68 15.33 30.38 -20.00
CA GLU D 68 15.58 29.41 -21.06
C GLU D 68 14.26 28.66 -21.36
N VAL D 69 13.57 28.26 -20.29
CA VAL D 69 12.26 27.56 -20.35
C VAL D 69 11.14 28.41 -20.96
N VAL D 70 10.95 29.61 -20.40
CA VAL D 70 10.05 30.61 -21.00
C VAL D 70 10.40 30.83 -22.46
N ALA D 71 11.68 31.03 -22.76
CA ALA D 71 12.12 31.18 -24.16
C ALA D 71 11.77 29.94 -25.03
N ALA D 72 12.04 28.76 -24.49
CA ALA D 72 11.75 27.55 -25.25
C ALA D 72 10.24 27.42 -25.49
N ILE D 73 9.42 27.85 -24.53
CA ILE D 73 7.95 27.82 -24.73
C ILE D 73 7.59 28.77 -25.87
N ALA D 74 8.04 30.02 -25.80
CA ALA D 74 7.87 30.98 -26.89
C ALA D 74 8.32 30.49 -28.31
N ALA D 75 9.56 29.98 -28.43
CA ALA D 75 10.09 29.50 -29.73
C ALA D 75 9.24 28.40 -30.38
N ALA D 76 8.46 27.71 -29.56
CA ALA D 76 7.51 26.70 -30.05
C ALA D 76 6.06 27.21 -30.16
N GLY D 77 5.88 28.53 -30.00
CA GLY D 77 4.57 29.14 -30.23
C GLY D 77 3.64 29.33 -29.03
N GLY D 78 3.95 28.70 -27.89
CA GLY D 78 3.18 28.87 -26.64
C GLY D 78 3.32 30.16 -25.84
N GLU D 79 2.65 30.23 -24.69
CA GLU D 79 2.72 31.39 -23.78
C GLU D 79 3.23 31.05 -22.37
N ALA D 80 4.13 31.86 -21.84
CA ALA D 80 4.70 31.57 -20.52
C ALA D 80 5.34 32.78 -19.89
N PHE D 81 5.58 32.68 -18.60
CA PHE D 81 6.48 33.61 -17.96
C PHE D 81 7.07 33.03 -16.69
N ALA D 82 8.19 33.61 -16.27
CA ALA D 82 8.88 33.22 -15.09
C ALA D 82 8.42 34.06 -13.89
N VAL D 83 8.21 33.42 -12.74
CA VAL D 83 7.84 34.10 -11.51
C VAL D 83 8.78 33.71 -10.37
N LYS D 84 9.25 34.70 -9.62
CA LYS D 84 10.21 34.47 -8.54
C LYS D 84 9.42 34.24 -7.26
N ALA D 85 9.69 33.10 -6.61
CA ALA D 85 9.17 32.80 -5.26
C ALA D 85 9.83 31.58 -4.68
N ASP D 86 10.36 31.74 -3.48
CA ASP D 86 10.85 30.64 -2.68
C ASP D 86 9.57 30.15 -2.01
N VAL D 87 9.09 28.99 -2.42
CA VAL D 87 7.72 28.64 -2.07
C VAL D 87 7.60 28.07 -0.64
N SER D 88 8.64 28.26 0.17
CA SER D 88 8.57 27.90 1.59
C SER D 88 8.18 29.14 2.38
N GLN D 89 8.17 30.28 1.69
CA GLN D 89 7.77 31.54 2.29
C GLN D 89 6.28 31.85 2.03
N GLU D 90 5.49 31.84 3.12
CA GLU D 90 4.10 32.21 3.05
C GLU D 90 3.88 33.50 2.22
N SER D 91 4.51 34.61 2.62
CA SER D 91 4.35 35.87 1.87
C SER D 91 4.69 35.75 0.37
N GLU D 92 5.74 35.01 0.03
CA GLU D 92 6.17 34.92 -1.39
C GLU D 92 5.32 34.07 -2.25
N VAL D 93 4.68 33.05 -1.69
CA VAL D 93 3.75 32.28 -2.50
C VAL D 93 2.47 33.07 -2.64
N GLU D 94 2.11 33.86 -1.63
CA GLU D 94 0.97 34.73 -1.73
C GLU D 94 1.11 35.59 -3.00
N ALA D 95 2.29 36.20 -3.11
CA ALA D 95 2.68 37.01 -4.26
C ALA D 95 2.81 36.20 -5.55
N LEU D 96 3.33 34.98 -5.48
CA LEU D 96 3.45 34.15 -6.67
C LEU D 96 2.08 33.95 -7.30
N PHE D 97 1.11 33.69 -6.44
CA PHE D 97 -0.20 33.40 -6.88
C PHE D 97 -0.92 34.66 -7.35
N ALA D 98 -0.69 35.79 -6.69
CA ALA D 98 -1.31 37.03 -7.10
C ALA D 98 -0.88 37.41 -8.50
N ALA D 99 0.42 37.26 -8.77
CA ALA D 99 0.97 37.40 -10.13
C ALA D 99 0.29 36.55 -11.23
N VAL D 100 -0.03 35.30 -10.96
CA VAL D 100 -0.68 34.47 -12.00
C VAL D 100 -2.14 34.91 -12.32
N ILE D 101 -2.92 35.16 -11.25
CA ILE D 101 -4.27 35.71 -11.32
C ILE D 101 -4.31 37.13 -11.92
N GLU D 102 -3.48 38.03 -11.40
CA GLU D 102 -3.43 39.37 -11.96
C GLU D 102 -3.01 39.38 -13.45
N ARG D 103 -2.29 38.36 -13.90
CA ARG D 103 -1.89 38.32 -15.29
C ARG D 103 -2.89 37.59 -16.18
N TRP D 104 -3.52 36.53 -15.68
CA TRP D 104 -4.31 35.64 -16.53
C TRP D 104 -5.67 35.28 -15.97
N GLY D 105 -5.88 35.59 -14.70
CA GLY D 105 -7.21 35.61 -14.07
C GLY D 105 -7.86 34.32 -13.62
N ARG D 106 -7.08 33.25 -13.52
CA ARG D 106 -7.60 31.91 -13.23
C ARG D 106 -6.41 30.96 -13.12
N LEU D 107 -6.61 29.79 -12.52
CA LEU D 107 -5.55 28.77 -12.50
C LEU D 107 -6.17 27.39 -12.58
N ASP D 108 -5.78 26.64 -13.61
CA ASP D 108 -6.44 25.35 -13.81
C ASP D 108 -5.69 24.20 -13.24
N VAL D 109 -4.38 24.37 -13.07
CA VAL D 109 -3.47 23.27 -12.81
C VAL D 109 -2.32 23.78 -11.95
N LEU D 110 -2.09 23.17 -10.80
CA LEU D 110 -0.87 23.40 -10.02
C LEU D 110 -0.13 22.09 -9.95
N VAL D 111 1.15 22.16 -10.27
CA VAL D 111 2.00 21.02 -10.10
C VAL D 111 3.03 21.44 -9.03
N ASN D 112 2.97 20.92 -7.80
CA ASN D 112 4.04 21.25 -6.86
C ASN D 112 5.28 20.41 -7.14
N ASN D 113 6.34 21.01 -7.70
CA ASN D 113 7.62 20.30 -7.96
C ASN D 113 8.80 20.80 -7.13
N ALA D 114 8.74 22.02 -6.59
CA ALA D 114 9.91 22.55 -5.88
C ALA D 114 10.36 21.59 -4.80
N GLY D 115 11.66 21.30 -4.76
CA GLY D 115 12.20 20.57 -3.63
C GLY D 115 13.70 20.60 -3.57
N ILE D 116 14.27 20.30 -2.40
CA ILE D 116 15.73 20.18 -2.31
C ILE D 116 16.19 18.91 -1.64
N THR D 117 17.49 18.64 -1.71
CA THR D 117 18.09 17.57 -0.91
C THR D 117 19.16 18.15 -0.01
N ARG D 118 19.17 17.74 1.25
CA ARG D 118 20.36 17.87 2.11
C ARG D 118 20.68 16.45 2.60
N ASP D 119 21.35 15.68 1.78
CA ASP D 119 21.54 14.30 2.18
C ASP D 119 22.56 14.22 3.32
N THR D 120 22.26 13.40 4.32
CA THR D 120 23.20 12.98 5.41
C THR D 120 22.54 11.89 6.22
N LEU D 121 23.29 10.85 6.57
CA LEU D 121 22.80 9.85 7.52
C LEU D 121 22.13 10.54 8.72
N LEU D 122 21.10 9.94 9.30
CA LEU D 122 20.37 10.57 10.41
C LEU D 122 21.26 11.02 11.59
N LEU D 123 22.18 10.13 11.97
CA LEU D 123 23.00 10.29 13.18
C LEU D 123 23.64 11.66 13.19
N ARG D 124 23.80 12.25 12.02
CA ARG D 124 24.56 13.48 11.84
C ARG D 124 23.74 14.57 11.18
N MET D 125 22.44 14.32 11.00
CA MET D 125 21.54 15.30 10.37
C MET D 125 21.45 16.51 11.31
N LYS D 126 21.83 17.67 10.78
CA LYS D 126 21.72 18.91 11.53
C LYS D 126 20.29 19.36 11.44
N ARG D 127 19.73 19.84 12.54
CA ARG D 127 18.39 20.39 12.59
C ARG D 127 18.02 21.31 11.37
N ASP D 128 18.81 22.34 11.08
CA ASP D 128 18.61 23.21 9.89
C ASP D 128 18.53 22.43 8.55
N ASP D 129 19.22 21.30 8.47
CA ASP D 129 19.12 20.54 7.25
C ASP D 129 17.83 19.69 7.19
N TRP D 130 17.28 19.32 8.34
CA TRP D 130 15.95 18.74 8.41
C TRP D 130 14.90 19.80 8.09
N GLN D 131 14.96 20.91 8.80
CA GLN D 131 14.01 21.94 8.65
C GLN D 131 13.95 22.54 7.20
N SER D 132 15.07 22.80 6.57
CA SER D 132 15.02 23.52 5.30
C SER D 132 14.31 22.68 4.25
N VAL D 133 14.54 21.36 4.30
CA VAL D 133 13.92 20.38 3.45
C VAL D 133 12.43 20.20 3.74
N LEU D 134 12.07 19.99 5.00
CA LEU D 134 10.68 19.85 5.36
C LEU D 134 9.91 21.14 5.04
N ASP D 135 10.49 22.28 5.36
CA ASP D 135 9.87 23.57 5.01
C ASP D 135 9.57 23.78 3.49
N LEU D 136 10.53 23.48 2.60
CA LEU D 136 10.30 23.67 1.19
C LEU D 136 9.45 22.53 0.60
N ASN D 137 9.96 21.29 0.69
CA ASN D 137 9.35 20.15 -0.03
C ASN D 137 7.99 19.81 0.45
N LEU D 138 7.71 20.08 1.74
CA LEU D 138 6.39 19.78 2.31
C LEU D 138 5.67 21.05 2.65
N GLY D 139 6.33 21.98 3.35
CA GLY D 139 5.62 23.24 3.69
C GLY D 139 5.14 23.92 2.42
N GLY D 140 5.99 23.86 1.37
CA GLY D 140 5.69 24.41 0.08
C GLY D 140 4.44 23.87 -0.60
N VAL D 141 4.21 22.58 -0.51
CA VAL D 141 3.05 22.08 -1.17
C VAL D 141 1.77 22.38 -0.39
N PHE D 142 1.91 22.59 0.91
CA PHE D 142 0.84 23.16 1.74
C PHE D 142 0.44 24.58 1.32
N LEU D 143 1.43 25.46 1.26
CA LEU D 143 1.16 26.84 0.88
C LEU D 143 0.60 26.90 -0.53
N CYS D 144 1.33 26.40 -1.50
CA CYS D 144 0.82 26.37 -2.84
C CYS D 144 -0.56 25.75 -2.93
N SER D 145 -0.75 24.52 -2.45
CA SER D 145 -2.12 23.92 -2.36
C SER D 145 -3.20 24.75 -1.64
N ARG D 146 -2.85 25.40 -0.51
CA ARG D 146 -3.80 26.37 0.13
C ARG D 146 -4.27 27.49 -0.80
N ALA D 147 -3.30 28.13 -1.48
CA ALA D 147 -3.56 29.24 -2.45
C ALA D 147 -4.37 28.71 -3.61
N ALA D 148 -3.92 27.57 -4.16
CA ALA D 148 -4.62 26.91 -5.25
C ALA D 148 -6.10 26.64 -4.92
N ALA D 149 -6.37 26.15 -3.71
CA ALA D 149 -7.74 25.80 -3.34
C ALA D 149 -8.70 27.02 -3.27
N LYS D 150 -8.31 28.13 -2.65
CA LYS D 150 -9.07 29.37 -2.74
C LYS D 150 -9.66 29.51 -4.16
N ILE D 151 -8.74 29.57 -5.14
CA ILE D 151 -9.04 29.84 -6.55
C ILE D 151 -9.89 28.75 -7.19
N MET D 152 -9.40 27.51 -7.09
CA MET D 152 -10.12 26.35 -7.67
C MET D 152 -11.51 26.19 -7.07
N LEU D 153 -11.66 26.44 -5.79
CA LEU D 153 -12.95 26.26 -5.18
C LEU D 153 -13.98 27.20 -5.78
N LYS D 154 -13.63 28.48 -5.96
CA LYS D 154 -14.49 29.50 -6.63
C LYS D 154 -14.79 29.13 -8.09
N GLN D 155 -13.76 28.68 -8.82
CA GLN D 155 -13.89 28.22 -10.22
C GLN D 155 -14.69 26.88 -10.34
N ARG D 156 -14.87 26.17 -9.21
CA ARG D 156 -15.49 24.83 -9.14
C ARG D 156 -14.79 23.86 -10.11
N SER D 157 -13.48 23.98 -10.27
CA SER D 157 -12.77 23.04 -11.10
C SER D 157 -11.26 23.27 -10.95
N GLY D 158 -10.47 22.32 -11.47
CA GLY D 158 -9.03 22.40 -11.40
C GLY D 158 -8.37 21.09 -11.02
N ARG D 159 -7.03 21.04 -11.22
CA ARG D 159 -6.21 19.87 -10.91
C ARG D 159 -4.88 20.27 -10.25
N ILE D 160 -4.53 19.48 -9.23
CA ILE D 160 -3.27 19.66 -8.52
C ILE D 160 -2.53 18.35 -8.60
N ILE D 161 -1.29 18.41 -9.01
CA ILE D 161 -0.46 17.24 -9.15
C ILE D 161 0.82 17.54 -8.33
N ASN D 162 1.14 16.66 -7.39
CA ASN D 162 2.31 16.85 -6.55
C ASN D 162 3.41 15.88 -6.98
N ILE D 163 4.62 16.36 -7.10
CA ILE D 163 5.70 15.43 -7.40
C ILE D 163 6.27 14.91 -6.08
N ALA D 164 6.02 13.63 -5.83
CA ALA D 164 6.49 12.98 -4.58
C ALA D 164 7.76 12.31 -4.99
N SER D 165 8.05 11.11 -4.50
CA SER D 165 9.21 10.39 -4.95
C SER D 165 9.08 9.08 -4.29
N VAL D 166 9.45 8.06 -5.03
CA VAL D 166 9.62 6.70 -4.54
C VAL D 166 10.30 6.62 -3.15
N VAL D 167 11.22 7.53 -2.90
CA VAL D 167 11.93 7.57 -1.63
C VAL D 167 11.02 7.77 -0.38
N GLY D 168 9.89 8.44 -0.55
CA GLY D 168 8.93 8.59 0.54
C GLY D 168 8.04 7.37 0.76
N GLU D 169 8.00 6.49 -0.24
CA GLU D 169 7.26 5.22 -0.16
C GLU D 169 8.04 4.09 0.52
N MET D 170 9.35 4.05 0.27
CA MET D 170 10.18 2.90 0.71
C MET D 170 11.34 3.29 1.65
N GLY D 171 11.53 4.60 1.88
CA GLY D 171 12.66 5.06 2.66
C GLY D 171 13.94 4.91 1.87
N ASN D 172 14.99 5.65 2.29
CA ASN D 172 16.32 5.63 1.66
C ASN D 172 17.39 6.19 2.58
N PRO D 173 18.51 5.48 2.72
CA PRO D 173 19.57 5.94 3.64
C PRO D 173 20.16 7.31 3.29
N GLY D 174 20.42 8.11 4.33
CA GLY D 174 20.94 9.48 4.16
C GLY D 174 19.88 10.48 3.73
N GLN D 175 18.64 10.01 3.52
CA GLN D 175 17.50 10.91 3.13
C GLN D 175 16.27 10.94 4.07
N ALA D 176 16.51 10.90 5.38
CA ALA D 176 15.45 10.84 6.34
C ALA D 176 14.57 12.03 6.17
N ASN D 177 15.19 13.17 5.88
CA ASN D 177 14.48 14.42 5.72
C ASN D 177 13.68 14.38 4.43
N TYR D 178 14.33 14.00 3.33
CA TYR D 178 13.68 14.03 2.04
C TYR D 178 12.52 13.02 1.97
N SER D 179 12.77 11.81 2.51
CA SER D 179 11.73 10.79 2.56
C SER D 179 10.59 11.21 3.47
N ALA D 180 10.89 11.90 4.56
CA ALA D 180 9.80 12.24 5.49
C ALA D 180 8.92 13.27 4.79
N ALA D 181 9.58 14.18 4.04
CA ALA D 181 8.92 15.29 3.34
C ALA D 181 8.05 14.73 2.25
N LYS D 182 8.66 13.87 1.42
CA LYS D 182 7.93 13.23 0.35
C LYS D 182 6.81 12.35 0.80
N ALA D 183 7.00 11.57 1.85
CA ALA D 183 5.88 10.72 2.29
C ALA D 183 4.77 11.62 2.75
N GLY D 184 5.16 12.79 3.26
CA GLY D 184 4.25 13.71 3.89
C GLY D 184 3.41 14.32 2.78
N VAL D 185 4.04 14.56 1.64
CA VAL D 185 3.32 15.08 0.46
C VAL D 185 2.19 14.13 0.01
N ILE D 186 2.49 12.84 -0.02
CA ILE D 186 1.53 11.81 -0.35
C ILE D 186 0.30 11.88 0.58
N GLY D 187 0.54 11.95 1.89
CA GLY D 187 -0.55 12.03 2.85
C GLY D 187 -1.38 13.29 2.69
N LEU D 188 -0.70 14.38 2.40
CA LEU D 188 -1.30 15.66 2.18
C LEU D 188 -2.19 15.62 0.94
N THR D 189 -1.67 15.04 -0.16
CA THR D 189 -2.40 14.80 -1.40
C THR D 189 -3.78 14.19 -1.13
N LYS D 190 -3.80 13.19 -0.26
CA LYS D 190 -5.03 12.48 0.03
C LYS D 190 -6.03 13.34 0.77
N THR D 191 -5.55 14.06 1.76
CA THR D 191 -6.46 14.90 2.48
C THR D 191 -7.00 15.89 1.50
N VAL D 192 -6.10 16.51 0.75
CA VAL D 192 -6.55 17.62 -0.08
C VAL D 192 -7.51 17.09 -1.16
N ALA D 193 -7.21 15.93 -1.72
CA ALA D 193 -8.14 15.24 -2.59
C ALA D 193 -9.52 15.17 -1.94
N LYS D 194 -9.58 14.70 -0.69
CA LYS D 194 -10.88 14.52 -0.05
C LYS D 194 -11.62 15.83 0.21
N GLU D 195 -10.88 16.93 0.34
CA GLU D 195 -11.51 18.24 0.68
C GLU D 195 -12.08 18.95 -0.53
N LEU D 196 -11.46 18.69 -1.70
CA LEU D 196 -11.78 19.42 -2.92
C LEU D 196 -12.56 18.59 -3.89
N ALA D 197 -12.75 17.30 -3.58
CA ALA D 197 -13.51 16.40 -4.50
C ALA D 197 -14.94 16.89 -4.80
N SER D 198 -15.58 17.49 -3.81
CA SER D 198 -17.02 17.76 -3.95
C SER D 198 -17.27 18.75 -5.12
N ARG D 199 -16.26 19.57 -5.42
CA ARG D 199 -16.26 20.49 -6.54
C ARG D 199 -15.54 19.94 -7.79
N GLY D 200 -15.46 18.62 -7.91
CA GLY D 200 -14.82 18.01 -9.09
C GLY D 200 -13.31 18.23 -9.34
N ILE D 201 -12.61 18.74 -8.31
CA ILE D 201 -11.15 19.03 -8.35
C ILE D 201 -10.31 17.79 -8.04
N THR D 202 -9.38 17.44 -8.93
CA THR D 202 -8.54 16.28 -8.65
C THR D 202 -7.21 16.65 -8.01
N VAL D 203 -6.74 15.79 -7.11
CA VAL D 203 -5.48 16.06 -6.46
C VAL D 203 -4.75 14.74 -6.45
N ASN D 204 -3.61 14.69 -7.12
CA ASN D 204 -2.86 13.44 -7.28
C ASN D 204 -1.38 13.62 -7.07
N ALA D 205 -0.66 12.51 -6.88
CA ALA D 205 0.80 12.56 -6.84
C ALA D 205 1.46 11.73 -7.94
N VAL D 206 2.61 12.18 -8.41
CA VAL D 206 3.40 11.34 -9.27
C VAL D 206 4.63 11.03 -8.50
N ALA D 207 5.05 9.77 -8.43
CA ALA D 207 6.30 9.47 -7.70
C ALA D 207 7.40 8.98 -8.65
N PRO D 208 8.36 9.85 -8.97
CA PRO D 208 9.47 9.39 -9.81
C PRO D 208 10.42 8.48 -9.07
N GLY D 209 10.98 7.49 -9.78
CA GLY D 209 12.15 6.73 -9.35
C GLY D 209 13.43 7.53 -9.61
N PHE D 210 14.45 6.90 -10.16
CA PHE D 210 15.70 7.61 -10.47
C PHE D 210 15.59 8.17 -11.88
N ILE D 211 15.71 9.48 -11.97
CA ILE D 211 15.58 10.20 -13.24
C ILE D 211 16.92 10.84 -13.59
N ALA D 212 17.31 10.73 -14.87
CA ALA D 212 18.61 11.24 -15.39
C ALA D 212 19.01 12.66 -14.96
N THR D 213 18.05 13.60 -15.06
CA THR D 213 18.25 15.04 -14.72
C THR D 213 18.04 15.48 -13.23
N ASP D 214 16.76 15.69 -12.83
CA ASP D 214 16.32 15.92 -11.40
C ASP D 214 16.76 14.68 -10.52
N MET D 215 18.08 14.39 -10.56
CA MET D 215 18.75 13.18 -10.02
C MET D 215 18.44 12.92 -8.55
N LEU D 224 22.90 1.01 -8.69
CA LEU D 224 21.51 1.53 -8.61
C LEU D 224 20.67 1.01 -9.78
N LEU D 225 21.32 0.92 -10.94
CA LEU D 225 20.70 0.43 -12.15
C LEU D 225 20.45 -1.07 -12.05
N GLU D 226 21.04 -1.71 -11.05
CA GLU D 226 20.88 -3.14 -10.81
C GLU D 226 19.49 -3.48 -10.27
N VAL D 227 18.94 -2.60 -9.44
CA VAL D 227 17.62 -2.83 -8.88
C VAL D 227 16.48 -2.43 -9.79
N ILE D 228 16.71 -1.55 -10.75
CA ILE D 228 15.62 -1.09 -11.65
C ILE D 228 15.29 -2.10 -12.78
N PRO D 229 14.09 -2.73 -12.71
CA PRO D 229 13.70 -3.76 -13.64
C PRO D 229 13.91 -3.42 -15.09
N LEU D 230 13.65 -2.18 -15.47
CA LEU D 230 13.74 -1.81 -16.87
C LEU D 230 15.19 -1.55 -17.32
N GLY D 231 16.10 -1.42 -16.36
CA GLY D 231 17.53 -1.28 -16.66
C GLY D 231 18.03 0.07 -17.17
N ARG D 232 17.27 1.15 -16.98
CA ARG D 232 17.72 2.51 -17.31
C ARG D 232 17.14 3.51 -16.32
N TYR D 233 17.74 4.71 -16.25
CA TYR D 233 17.09 5.81 -15.56
C TYR D 233 15.91 6.30 -16.42
N GLY D 234 14.93 6.91 -15.75
CA GLY D 234 13.84 7.56 -16.45
C GLY D 234 14.31 8.89 -17.00
N GLU D 235 13.61 9.36 -18.04
CA GLU D 235 13.80 10.70 -18.59
C GLU D 235 12.78 11.66 -18.00
N ALA D 236 13.24 12.90 -17.75
CA ALA D 236 12.39 13.95 -17.24
C ALA D 236 11.09 14.07 -18.03
N ALA D 237 11.19 14.03 -19.37
CA ALA D 237 10.04 14.16 -20.27
C ALA D 237 9.01 13.05 -20.06
N GLU D 238 9.48 11.88 -19.68
CA GLU D 238 8.58 10.78 -19.29
C GLU D 238 7.75 11.12 -18.05
N VAL D 239 8.39 11.58 -16.97
CA VAL D 239 7.57 11.99 -15.83
C VAL D 239 6.62 13.12 -16.21
N ALA D 240 7.03 13.99 -17.12
CA ALA D 240 6.15 15.10 -17.50
C ALA D 240 4.88 14.55 -18.10
N GLY D 241 5.05 13.44 -18.82
CA GLY D 241 3.97 12.87 -19.61
C GLY D 241 2.84 12.40 -18.72
N VAL D 242 3.20 11.84 -17.56
CA VAL D 242 2.23 11.29 -16.62
C VAL D 242 1.48 12.45 -15.98
N VAL D 243 2.21 13.54 -15.77
CA VAL D 243 1.68 14.81 -15.24
C VAL D 243 0.67 15.40 -16.24
N ARG D 244 1.08 15.54 -17.51
CA ARG D 244 0.20 16.06 -18.55
C ARG D 244 -1.12 15.25 -18.55
N PHE D 245 -0.98 13.94 -18.52
CA PHE D 245 -2.12 13.03 -18.50
C PHE D 245 -3.10 13.37 -17.38
N LEU D 246 -2.61 13.50 -16.15
CA LEU D 246 -3.48 13.72 -15.02
C LEU D 246 -4.11 15.07 -15.11
N ALA D 247 -3.34 15.99 -15.67
CA ALA D 247 -3.71 17.39 -15.81
C ALA D 247 -4.76 17.62 -16.92
N ALA D 248 -4.68 16.86 -18.00
CA ALA D 248 -5.35 17.20 -19.26
C ALA D 248 -6.23 16.10 -19.85
N ASP D 249 -5.96 14.84 -19.49
CA ASP D 249 -6.73 13.77 -20.08
C ASP D 249 -8.11 13.77 -19.48
N PRO D 250 -9.16 13.67 -20.31
CA PRO D 250 -10.53 13.53 -19.73
C PRO D 250 -10.71 12.33 -18.76
N ALA D 251 -10.01 11.23 -19.02
CA ALA D 251 -10.08 10.03 -18.19
C ALA D 251 -9.59 10.23 -16.74
N ALA D 252 -8.59 11.09 -16.57
CA ALA D 252 -8.03 11.37 -15.25
C ALA D 252 -8.95 12.24 -14.40
N ALA D 253 -10.10 12.61 -14.97
CA ALA D 253 -11.12 13.38 -14.24
C ALA D 253 -11.63 12.57 -13.04
N TYR D 254 -11.45 11.24 -13.15
CA TYR D 254 -12.01 10.31 -12.21
C TYR D 254 -10.94 9.66 -11.32
N ILE D 255 -9.75 10.26 -11.30
CA ILE D 255 -8.65 9.75 -10.55
C ILE D 255 -8.30 10.87 -9.61
N THR D 256 -8.42 10.63 -8.32
CA THR D 256 -8.00 11.59 -7.33
C THR D 256 -7.51 10.81 -6.10
N GLY D 257 -6.60 11.43 -5.34
CA GLY D 257 -6.02 10.76 -4.16
C GLY D 257 -5.02 9.67 -4.45
N GLN D 258 -4.50 9.62 -5.69
CA GLN D 258 -3.62 8.53 -6.06
C GLN D 258 -2.19 8.93 -6.20
N VAL D 259 -1.34 7.90 -6.18
CA VAL D 259 0.09 8.04 -6.35
C VAL D 259 0.47 7.13 -7.51
N ILE D 260 1.06 7.69 -8.56
CA ILE D 260 1.49 6.89 -9.68
C ILE D 260 3.01 6.89 -9.77
N ASN D 261 3.60 5.74 -9.51
CA ASN D 261 5.03 5.57 -9.60
C ASN D 261 5.50 5.51 -11.06
N ILE D 262 6.57 6.23 -11.38
CA ILE D 262 7.19 6.14 -12.68
C ILE D 262 8.68 6.00 -12.39
N ASP D 263 9.13 4.77 -12.37
CA ASP D 263 10.34 4.38 -11.65
C ASP D 263 10.85 3.08 -12.21
N GLY D 264 10.38 2.70 -13.39
CA GLY D 264 10.93 1.56 -14.06
C GLY D 264 10.69 0.25 -13.34
N GLY D 265 9.85 0.28 -12.30
CA GLY D 265 9.46 -0.92 -11.59
C GLY D 265 10.17 -1.06 -10.27
N LEU D 266 10.96 -0.06 -9.92
CA LEU D 266 11.71 -0.07 -8.64
C LEU D 266 10.83 -0.36 -7.40
N VAL D 267 9.64 0.25 -7.32
CA VAL D 267 8.77 -0.02 -6.23
C VAL D 267 7.41 -0.51 -6.72
N MET D 268 7.11 -1.76 -6.35
CA MET D 268 5.92 -2.48 -6.81
C MET D 268 4.94 -2.72 -5.65
#